data_8SHC
#
_entry.id   8SHC
#
_cell.length_a   1.00
_cell.length_b   1.00
_cell.length_c   1.00
_cell.angle_alpha   90.00
_cell.angle_beta   90.00
_cell.angle_gamma   90.00
#
_symmetry.space_group_name_H-M   'P 1'
#
loop_
_entity.id
_entity.type
_entity.pdbx_description
1 polymer Pendrin
2 non-polymer 'CHLORIDE ION'
3 non-polymer 1-palmitoyl-2-oleoyl-sn-glycero-3-phosphocholine
4 non-polymer '2-{[3-(TRIFLUOROMETHYL)PHENYL]AMINO}NICOTINIC ACID'
5 non-polymer 'Lauryl Maltose Neopentyl Glycol'
6 non-polymer CHOLESTEROL
#
_entity_poly.entity_id   1
_entity_poly.type   'polypeptide(L)'
_entity_poly.pdbx_seq_one_letter_code
;MAAPGSRLEPPPLPEYSCSYVVSRPVYSELAFQQQYERRLQERKTLRESLAKRCSCSRKRTLGVLKTLLPVLDWLPKYRI
KEWLLSDIISGVSTGLVGTLQGMAYALLAAVPVGYGLYSAFFPILTYFIFGTSRHISVGPFPVVSLMVGSVVLSMAPDEH
FIISSSNGTALNTTVIDFAARDAARVLIASTLTLLVGIIQLIFGGLQIGFIVRYLADPLVGGFTTAAAFQVLVSQLKIVL
NVSTKNYNGILSIIYTLIEIFQNIGNTNLADFIAGLLTIIICMAVKELNDRFKHKIPVPIPIEVIVTIIATAISYAVNLE
KNYNAGIVKSIPRGFLPPEIPPISLFSEMLTASFSIAVVAYAIAVSVGKVYAIKYDYTIDGNQEFIAFGISNIFSGFFSC
FVATTALSRTAVQESTGGKTQIAGIISAAVVMIAIVALGKLLEPLQKSVLAAVVIANLKGMFMQVCDVPRLWRQNKTDAV
IWVFTCIASIILGLDLGLLAGLMFGFLTVVVRVQFPSWNSLGSIPNTDIYRSTKDYKNIEEPEGVKILRFSSPIFYGNVD
GLKKCIKSTVGFDAIRVYNKRLKALRKIQKLIKKGQLRATKNGIISDAGSSNNAFEPDEDIEDPEELDIPTKEIEIQVDW
NSELPVKVNVPKVPIHSLVLDCGAVSFLDVVGVRSLRMIVKEFQRIDVHVYFASLQDHVIEKLEQCGFFNDSIRKDIFFL
TVHDAILHLRSQVKSQEVQDSILETITLIQDCKDPLELMEAELIEEELDVQDEAMRRLAS
;
_entity_poly.pdbx_strand_id   D,C
#
# COMPACT_ATOMS: atom_id res chain seq x y z
N SER A 17 -36.30 -32.16 21.30
CA SER A 17 -36.55 -31.83 19.90
C SER A 17 -35.68 -32.67 18.97
N CYS A 18 -35.23 -32.06 17.88
CA CYS A 18 -34.39 -32.75 16.92
C CYS A 18 -33.01 -33.05 17.52
N SER A 19 -32.42 -34.16 17.09
CA SER A 19 -31.13 -34.61 17.59
C SER A 19 -30.14 -34.75 16.45
N TYR A 20 -28.86 -34.70 16.80
CA TYR A 20 -27.76 -34.80 15.84
C TYR A 20 -27.21 -36.23 15.94
N VAL A 21 -27.56 -37.06 14.96
CA VAL A 21 -27.13 -38.46 14.90
C VAL A 21 -26.52 -38.72 13.54
N VAL A 22 -25.31 -39.29 13.53
CA VAL A 22 -24.62 -39.62 12.30
C VAL A 22 -23.69 -40.80 12.56
N SER A 23 -23.58 -41.67 11.57
CA SER A 23 -22.68 -42.82 11.64
C SER A 23 -21.98 -42.96 10.29
N ARG A 24 -20.65 -42.92 10.31
CA ARG A 24 -19.85 -43.01 9.09
C ARG A 24 -18.44 -43.43 9.48
N PRO A 25 -17.67 -43.96 8.54
CA PRO A 25 -16.27 -44.27 8.82
C PRO A 25 -15.44 -42.98 8.93
N VAL A 26 -14.28 -43.12 9.57
CA VAL A 26 -13.34 -42.01 9.67
C VAL A 26 -12.68 -41.81 8.31
N TYR A 27 -12.74 -40.59 7.80
CA TYR A 27 -12.30 -40.28 6.45
C TYR A 27 -11.11 -39.34 6.48
N SER A 28 -9.95 -39.84 6.05
CA SER A 28 -8.83 -38.98 5.72
C SER A 28 -8.99 -38.48 4.28
N GLU A 29 -8.10 -37.56 3.89
CA GLU A 29 -8.17 -37.04 2.53
C GLU A 29 -7.94 -38.12 1.49
N LEU A 30 -6.98 -39.02 1.74
CA LEU A 30 -6.67 -40.07 0.78
C LEU A 30 -7.84 -41.02 0.59
N ALA A 31 -8.41 -41.49 1.70
CA ALA A 31 -9.54 -42.43 1.60
C ALA A 31 -10.77 -41.76 0.99
N PHE A 32 -11.02 -40.50 1.36
CA PHE A 32 -12.16 -39.79 0.80
C PHE A 32 -12.01 -39.60 -0.70
N GLN A 33 -10.80 -39.26 -1.16
CA GLN A 33 -10.57 -39.15 -2.60
C GLN A 33 -10.66 -40.51 -3.28
N GLN A 34 -10.24 -41.57 -2.61
CA GLN A 34 -10.34 -42.90 -3.21
C GLN A 34 -11.78 -43.33 -3.39
N GLN A 35 -12.64 -43.04 -2.41
CA GLN A 35 -14.03 -43.49 -2.47
C GLN A 35 -14.92 -42.56 -3.29
N TYR A 36 -14.61 -41.27 -3.32
CA TYR A 36 -15.40 -40.29 -4.09
C TYR A 36 -14.48 -39.58 -5.06
N GLU A 37 -14.87 -39.57 -6.34
CA GLU A 37 -14.04 -39.01 -7.39
C GLU A 37 -14.42 -37.56 -7.68
N ARG A 38 -13.41 -36.75 -8.00
CA ARG A 38 -13.63 -35.35 -8.31
C ARG A 38 -13.95 -35.20 -9.80
N ARG A 39 -13.92 -33.96 -10.28
CA ARG A 39 -14.16 -33.64 -11.69
C ARG A 39 -15.54 -34.12 -12.15
N VAL A 64 -21.28 -4.26 -29.17
CA VAL A 64 -20.90 -3.27 -30.18
C VAL A 64 -21.80 -2.05 -30.07
N LEU A 65 -22.97 -2.23 -29.45
CA LEU A 65 -23.91 -1.14 -29.24
C LEU A 65 -23.89 -0.61 -27.81
N LYS A 66 -23.40 -1.41 -26.86
CA LYS A 66 -23.28 -0.96 -25.47
C LYS A 66 -22.04 -0.11 -25.23
N THR A 67 -20.94 -0.40 -25.93
CA THR A 67 -19.72 0.39 -25.72
C THR A 67 -19.93 1.85 -26.11
N LEU A 68 -20.62 2.10 -27.22
CA LEU A 68 -21.12 3.43 -27.56
C LEU A 68 -22.63 3.39 -27.33
N LEU A 69 -23.02 3.59 -26.07
CA LEU A 69 -24.43 3.50 -25.69
C LEU A 69 -25.21 4.66 -26.30
N PRO A 70 -26.11 4.42 -27.25
CA PRO A 70 -26.75 5.53 -27.96
C PRO A 70 -27.95 6.07 -27.20
N VAL A 71 -28.42 7.23 -27.68
CA VAL A 71 -29.75 7.69 -27.32
C VAL A 71 -30.82 6.85 -28.00
N LEU A 72 -30.40 6.00 -28.95
CA LEU A 72 -31.35 5.16 -29.68
C LEU A 72 -32.02 4.12 -28.80
N ASP A 73 -31.53 3.91 -27.58
CA ASP A 73 -32.14 2.92 -26.70
C ASP A 73 -33.46 3.39 -26.12
N TRP A 74 -33.58 4.70 -25.82
CA TRP A 74 -34.80 5.22 -25.23
C TRP A 74 -35.51 6.29 -26.04
N LEU A 75 -34.84 6.93 -27.00
CA LEU A 75 -35.51 7.95 -27.80
C LEU A 75 -36.67 7.39 -28.61
N PRO A 76 -36.53 6.28 -29.37
CA PRO A 76 -37.72 5.69 -29.99
C PRO A 76 -38.74 5.21 -28.98
N LYS A 77 -38.31 4.80 -27.79
CA LYS A 77 -39.18 4.31 -26.74
C LYS A 77 -39.73 5.41 -25.86
N TYR A 78 -39.78 6.65 -26.35
CA TYR A 78 -40.22 7.77 -25.53
C TYR A 78 -41.73 7.71 -25.27
N ARG A 79 -42.17 8.50 -24.30
CA ARG A 79 -43.55 8.57 -23.84
C ARG A 79 -44.03 10.03 -23.88
N ILE A 80 -43.84 10.67 -25.04
CA ILE A 80 -44.10 12.08 -25.26
C ILE A 80 -45.52 12.49 -24.85
N LYS A 81 -46.40 11.50 -24.68
CA LYS A 81 -47.79 11.79 -24.34
C LYS A 81 -47.90 12.55 -23.02
N GLU A 82 -47.10 12.19 -22.02
CA GLU A 82 -47.18 12.80 -20.70
C GLU A 82 -45.86 13.28 -20.13
N TRP A 83 -44.71 12.79 -20.63
CA TRP A 83 -43.43 13.13 -20.03
C TRP A 83 -42.91 14.50 -20.44
N LEU A 84 -43.44 15.08 -21.52
CA LEU A 84 -42.84 16.28 -22.10
C LEU A 84 -42.98 17.48 -21.17
N LEU A 85 -44.16 17.69 -20.59
CA LEU A 85 -44.37 18.84 -19.71
C LEU A 85 -43.51 18.74 -18.46
N SER A 86 -43.43 17.55 -17.86
CA SER A 86 -42.58 17.36 -16.70
C SER A 86 -41.12 17.60 -17.05
N ASP A 87 -40.67 17.11 -18.21
CA ASP A 87 -39.30 17.36 -18.64
C ASP A 87 -39.03 18.84 -18.81
N ILE A 88 -39.98 19.57 -19.42
CA ILE A 88 -39.79 21.00 -19.63
C ILE A 88 -39.66 21.73 -18.29
N ILE A 89 -40.58 21.43 -17.36
CA ILE A 89 -40.57 22.14 -16.08
C ILE A 89 -39.28 21.83 -15.31
N SER A 90 -38.92 20.54 -15.24
CA SER A 90 -37.71 20.15 -14.51
C SER A 90 -36.47 20.77 -15.15
N GLY A 91 -36.42 20.79 -16.48
CA GLY A 91 -35.28 21.38 -17.16
C GLY A 91 -35.16 22.87 -16.88
N VAL A 92 -36.28 23.58 -16.92
CA VAL A 92 -36.25 25.02 -16.62
C VAL A 92 -35.75 25.26 -15.20
N SER A 93 -36.28 24.51 -14.24
CA SER A 93 -35.88 24.70 -12.85
C SER A 93 -34.40 24.40 -12.64
N THR A 94 -33.94 23.26 -13.16
CA THR A 94 -32.54 22.90 -12.96
C THR A 94 -31.59 23.79 -13.75
N GLY A 95 -32.02 24.35 -14.88
CA GLY A 95 -31.20 25.33 -15.56
C GLY A 95 -31.08 26.63 -14.78
N LEU A 96 -32.18 27.07 -14.19
CA LEU A 96 -32.13 28.27 -13.35
C LEU A 96 -31.18 28.07 -12.17
N VAL A 97 -31.22 26.88 -11.56
CA VAL A 97 -30.29 26.61 -10.46
C VAL A 97 -28.85 26.48 -10.97
N GLY A 98 -28.65 25.80 -12.09
CA GLY A 98 -27.30 25.49 -12.54
C GLY A 98 -26.56 26.71 -13.07
N THR A 99 -27.28 27.68 -13.63
CA THR A 99 -26.63 28.92 -14.04
C THR A 99 -25.96 29.59 -12.85
N LEU A 100 -26.69 29.79 -11.75
CA LEU A 100 -26.13 30.40 -10.56
C LEU A 100 -25.04 29.53 -9.96
N GLN A 101 -25.23 28.22 -9.92
CA GLN A 101 -24.19 27.35 -9.37
C GLN A 101 -22.90 27.41 -10.19
N GLY A 102 -22.99 27.42 -11.52
CA GLY A 102 -21.80 27.53 -12.34
C GLY A 102 -21.12 28.88 -12.18
N MET A 103 -21.90 29.96 -12.09
CA MET A 103 -21.30 31.26 -11.83
C MET A 103 -20.59 31.30 -10.49
N ALA A 104 -21.16 30.67 -9.46
CA ALA A 104 -20.55 30.69 -8.14
C ALA A 104 -19.29 29.83 -8.08
N TYR A 105 -19.34 28.63 -8.67
CA TYR A 105 -18.21 27.72 -8.60
C TYR A 105 -17.03 28.15 -9.44
N ALA A 106 -17.20 29.13 -10.32
CA ALA A 106 -16.07 29.64 -11.10
C ALA A 106 -15.07 30.39 -10.24
N LEU A 107 -15.44 30.78 -9.03
CA LEU A 107 -14.54 31.48 -8.13
C LEU A 107 -13.63 30.52 -7.35
N LEU A 108 -14.08 29.28 -7.13
CA LEU A 108 -13.23 28.30 -6.46
C LEU A 108 -11.99 28.01 -7.29
N ALA A 109 -12.16 27.88 -8.60
CA ALA A 109 -11.03 27.86 -9.52
C ALA A 109 -10.60 29.28 -9.82
N ALA A 110 -9.31 29.44 -10.13
CA ALA A 110 -8.75 30.76 -10.42
C ALA A 110 -9.09 31.18 -11.86
N VAL A 111 -10.40 31.19 -12.15
CA VAL A 111 -10.92 31.49 -13.48
C VAL A 111 -11.94 32.61 -13.35
N PRO A 112 -11.96 33.58 -14.26
CA PRO A 112 -12.98 34.64 -14.19
C PRO A 112 -14.38 34.07 -14.38
N VAL A 113 -15.35 34.76 -13.77
CA VAL A 113 -16.74 34.33 -13.86
C VAL A 113 -17.22 34.49 -15.30
N GLY A 114 -17.80 33.42 -15.83
CA GLY A 114 -18.23 33.41 -17.22
C GLY A 114 -17.90 32.10 -17.91
N TYR A 115 -16.78 31.49 -17.51
CA TYR A 115 -16.44 30.16 -17.99
C TYR A 115 -17.21 29.07 -17.28
N GLY A 116 -17.75 29.35 -16.09
CA GLY A 116 -18.63 28.41 -15.43
C GLY A 116 -19.89 28.14 -16.22
N LEU A 117 -20.38 29.14 -16.95
CA LEU A 117 -21.51 28.92 -17.84
C LEU A 117 -21.18 27.92 -18.93
N TYR A 118 -19.98 28.04 -19.52
CA TYR A 118 -19.54 27.08 -20.52
C TYR A 118 -19.40 25.69 -19.92
N SER A 119 -18.86 25.61 -18.69
CA SER A 119 -18.71 24.32 -18.03
C SER A 119 -20.05 23.70 -17.65
N ALA A 120 -21.08 24.53 -17.46
CA ALA A 120 -22.42 24.00 -17.23
C ALA A 120 -23.11 23.61 -18.54
N PHE A 121 -22.74 24.25 -19.64
CA PHE A 121 -23.41 24.05 -20.92
C PHE A 121 -22.88 22.86 -21.71
N PHE A 122 -21.57 22.85 -22.01
CA PHE A 122 -21.04 21.84 -22.93
C PHE A 122 -21.15 20.41 -22.39
N PRO A 123 -20.76 20.11 -21.15
CA PRO A 123 -20.81 18.72 -20.69
C PRO A 123 -22.20 18.10 -20.73
N ILE A 124 -23.27 18.87 -20.50
CA ILE A 124 -24.61 18.31 -20.61
C ILE A 124 -24.89 17.87 -22.04
N LEU A 125 -24.53 18.71 -23.01
CA LEU A 125 -24.75 18.38 -24.42
C LEU A 125 -23.98 17.12 -24.81
N THR A 126 -22.73 17.00 -24.37
CA THR A 126 -21.95 15.84 -24.76
C THR A 126 -22.19 14.61 -23.89
N TYR A 127 -22.91 14.76 -22.77
CA TYR A 127 -23.30 13.63 -21.95
C TYR A 127 -24.69 13.10 -22.28
N PHE A 128 -25.51 13.90 -22.98
CA PHE A 128 -26.85 13.44 -23.36
C PHE A 128 -26.79 12.16 -24.20
N ILE A 129 -25.68 11.91 -24.89
CA ILE A 129 -25.58 10.77 -25.80
C ILE A 129 -25.09 9.52 -25.06
N PHE A 130 -23.91 9.60 -24.46
CA PHE A 130 -23.25 8.43 -23.88
C PHE A 130 -23.69 8.12 -22.46
N GLY A 131 -24.60 8.90 -21.89
CA GLY A 131 -24.94 8.72 -20.49
C GLY A 131 -25.86 7.53 -20.27
N THR A 132 -25.64 6.82 -19.17
CA THR A 132 -26.48 5.70 -18.75
C THR A 132 -27.54 6.11 -17.73
N SER A 133 -27.23 7.06 -16.86
CA SER A 133 -28.17 7.48 -15.83
C SER A 133 -29.35 8.22 -16.46
N ARG A 134 -30.33 8.54 -15.63
CA ARG A 134 -31.57 9.12 -16.12
C ARG A 134 -32.07 10.29 -15.27
N HIS A 135 -31.37 10.64 -14.18
CA HIS A 135 -31.87 11.69 -13.30
C HIS A 135 -30.79 12.65 -12.81
N ILE A 136 -29.57 12.59 -13.33
CA ILE A 136 -28.46 13.37 -12.79
C ILE A 136 -28.26 14.62 -13.64
N SER A 137 -27.60 15.61 -13.05
CA SER A 137 -27.21 16.85 -13.72
C SER A 137 -25.69 16.97 -13.70
N VAL A 138 -25.13 17.63 -14.71
CA VAL A 138 -23.69 17.70 -14.90
C VAL A 138 -23.21 19.11 -14.62
N GLY A 139 -22.19 19.25 -13.75
CA GLY A 139 -21.67 20.54 -13.38
C GLY A 139 -20.43 20.50 -12.51
N PRO A 140 -20.07 21.64 -11.93
CA PRO A 140 -18.73 21.76 -11.31
C PRO A 140 -18.55 20.99 -10.01
N PHE A 141 -19.52 21.03 -9.07
CA PHE A 141 -19.35 20.45 -7.74
C PHE A 141 -18.11 21.01 -7.05
N PRO A 142 -18.22 22.17 -6.39
CA PRO A 142 -17.05 23.01 -6.06
C PRO A 142 -15.81 22.33 -5.49
N VAL A 143 -15.89 21.09 -4.98
CA VAL A 143 -14.68 20.44 -4.47
C VAL A 143 -13.68 20.21 -5.61
N VAL A 144 -14.15 19.67 -6.73
CA VAL A 144 -13.29 19.49 -7.89
C VAL A 144 -12.84 20.83 -8.42
N SER A 145 -13.71 21.84 -8.35
CA SER A 145 -13.32 23.19 -8.76
C SER A 145 -12.18 23.72 -7.91
N LEU A 146 -12.21 23.46 -6.60
CA LEU A 146 -11.13 23.90 -5.73
C LEU A 146 -9.85 23.15 -6.01
N MET A 147 -9.94 21.85 -6.31
CA MET A 147 -8.74 21.11 -6.69
C MET A 147 -8.12 21.70 -7.97
N VAL A 148 -8.95 21.96 -8.97
CA VAL A 148 -8.47 22.54 -10.22
C VAL A 148 -7.86 23.92 -9.98
N GLY A 149 -8.53 24.74 -9.15
CA GLY A 149 -8.00 26.06 -8.86
C GLY A 149 -6.70 26.03 -8.11
N SER A 150 -6.55 25.08 -7.18
CA SER A 150 -5.27 24.91 -6.49
C SER A 150 -4.17 24.57 -7.46
N VAL A 151 -4.44 23.63 -8.38
CA VAL A 151 -3.43 23.27 -9.37
C VAL A 151 -3.07 24.48 -10.23
N VAL A 152 -4.08 25.21 -10.70
CA VAL A 152 -3.85 26.33 -11.60
C VAL A 152 -3.07 27.44 -10.90
N LEU A 153 -3.42 27.73 -9.65
CA LEU A 153 -2.73 28.77 -8.90
C LEU A 153 -1.28 28.37 -8.61
N SER A 154 -1.07 27.12 -8.19
CA SER A 154 0.29 26.67 -7.90
C SER A 154 1.14 26.58 -9.16
N MET A 155 0.52 26.44 -10.34
CA MET A 155 1.28 26.35 -11.58
C MET A 155 1.44 27.69 -12.28
N ALA A 156 0.76 28.74 -11.82
CA ALA A 156 0.87 30.05 -12.42
C ALA A 156 0.47 31.15 -11.44
N PRO A 157 1.34 31.52 -10.50
CA PRO A 157 0.97 32.54 -9.53
C PRO A 157 1.18 33.96 -10.04
N ASP A 158 0.85 34.95 -9.21
CA ASP A 158 0.91 36.34 -9.64
C ASP A 158 2.36 36.80 -9.82
N GLU A 159 3.21 36.53 -8.83
CA GLU A 159 4.57 37.06 -8.86
C GLU A 159 5.41 36.41 -9.96
N HIS A 160 5.25 35.10 -10.15
CA HIS A 160 6.07 34.42 -11.16
C HIS A 160 5.64 34.79 -12.57
N PHE A 161 4.33 34.79 -12.84
CA PHE A 161 3.86 35.07 -14.19
C PHE A 161 4.06 36.54 -14.55
N ILE A 162 3.80 37.45 -13.62
CA ILE A 162 3.88 38.88 -13.86
C ILE A 162 4.90 39.47 -12.89
N ILE A 163 5.87 40.20 -13.42
CA ILE A 163 6.85 40.91 -12.61
C ILE A 163 6.55 42.40 -12.54
N SER A 164 5.43 42.83 -13.12
CA SER A 164 5.07 44.25 -13.12
C SER A 164 4.18 44.58 -11.92
N ILE A 176 0.93 45.21 -13.41
CA ILE A 176 0.31 43.90 -13.47
C ILE A 176 -0.58 43.80 -14.71
N ASP A 177 -0.59 42.63 -15.35
CA ASP A 177 -1.36 42.39 -16.56
C ASP A 177 -2.44 41.35 -16.23
N PHE A 178 -3.66 41.83 -15.99
CA PHE A 178 -4.75 40.94 -15.61
C PHE A 178 -5.15 40.01 -16.76
N ALA A 179 -5.15 40.53 -17.99
CA ALA A 179 -5.63 39.75 -19.13
C ALA A 179 -4.72 38.55 -19.40
N ALA A 180 -3.40 38.76 -19.38
CA ALA A 180 -2.47 37.66 -19.61
C ALA A 180 -2.58 36.61 -18.52
N ARG A 181 -2.71 37.05 -17.26
CA ARG A 181 -2.88 36.12 -16.16
C ARG A 181 -4.15 35.29 -16.34
N ASP A 182 -5.26 35.94 -16.70
CA ASP A 182 -6.51 35.23 -16.92
C ASP A 182 -6.38 34.22 -18.05
N ALA A 183 -5.73 34.61 -19.14
CA ALA A 183 -5.53 33.69 -20.26
C ALA A 183 -4.70 32.48 -19.84
N ALA A 184 -3.64 32.70 -19.05
CA ALA A 184 -2.82 31.60 -18.58
C ALA A 184 -3.63 30.65 -17.69
N ARG A 185 -4.43 31.22 -16.78
CA ARG A 185 -5.25 30.38 -15.90
C ARG A 185 -6.24 29.55 -16.71
N VAL A 186 -6.90 30.17 -17.70
CA VAL A 186 -7.85 29.44 -18.53
C VAL A 186 -7.15 28.33 -19.31
N LEU A 187 -5.97 28.61 -19.85
CA LEU A 187 -5.23 27.60 -20.59
C LEU A 187 -4.86 26.41 -19.71
N ILE A 188 -4.40 26.69 -18.49
CA ILE A 188 -4.03 25.61 -17.59
C ILE A 188 -5.25 24.80 -17.19
N ALA A 189 -6.38 25.47 -16.95
CA ALA A 189 -7.61 24.75 -16.60
C ALA A 189 -8.06 23.84 -17.75
N SER A 190 -8.01 24.35 -18.99
CA SER A 190 -8.39 23.53 -20.14
C SER A 190 -7.46 22.34 -20.30
N THR A 191 -6.15 22.55 -20.13
CA THR A 191 -5.20 21.45 -20.26
C THR A 191 -5.43 20.38 -19.20
N LEU A 192 -5.68 20.80 -17.95
CA LEU A 192 -5.96 19.84 -16.89
C LEU A 192 -7.25 19.08 -17.16
N THR A 193 -8.28 19.76 -17.66
CA THR A 193 -9.52 19.09 -18.01
C THR A 193 -9.30 18.05 -19.10
N LEU A 194 -8.52 18.39 -20.13
CA LEU A 194 -8.24 17.44 -21.20
C LEU A 194 -7.49 16.22 -20.66
N LEU A 195 -6.49 16.44 -19.80
CA LEU A 195 -5.75 15.32 -19.23
C LEU A 195 -6.66 14.42 -18.39
N VAL A 196 -7.54 15.02 -17.59
CA VAL A 196 -8.48 14.25 -16.78
C VAL A 196 -9.40 13.42 -17.67
N GLY A 197 -9.88 14.02 -18.76
CA GLY A 197 -10.73 13.29 -19.68
C GLY A 197 -10.02 12.13 -20.35
N ILE A 198 -8.76 12.33 -20.73
CA ILE A 198 -7.99 11.24 -21.34
C ILE A 198 -7.81 10.10 -20.34
N ILE A 199 -7.49 10.44 -19.09
CA ILE A 199 -7.31 9.40 -18.08
C ILE A 199 -8.60 8.64 -17.85
N GLN A 200 -9.73 9.36 -17.77
CA GLN A 200 -11.01 8.71 -17.55
C GLN A 200 -11.38 7.79 -18.72
N LEU A 201 -11.16 8.25 -19.95
CA LEU A 201 -11.46 7.41 -21.11
C LEU A 201 -10.58 6.17 -21.12
N ILE A 202 -9.30 6.32 -20.77
CA ILE A 202 -8.40 5.16 -20.73
C ILE A 202 -8.87 4.16 -19.67
N PHE A 203 -9.24 4.65 -18.49
CA PHE A 203 -9.74 3.75 -17.46
C PHE A 203 -11.05 3.08 -17.87
N GLY A 204 -11.88 3.78 -18.63
CA GLY A 204 -13.10 3.17 -19.13
C GLY A 204 -12.84 2.09 -20.17
N GLY A 205 -11.81 2.28 -20.99
CA GLY A 205 -11.46 1.27 -21.97
C GLY A 205 -10.95 -0.01 -21.36
N LEU A 206 -10.28 0.08 -20.21
CA LEU A 206 -9.69 -1.07 -19.55
C LEU A 206 -10.68 -1.86 -18.71
N GLN A 207 -11.94 -1.42 -18.63
CA GLN A 207 -12.99 -2.12 -17.91
C GLN A 207 -12.68 -2.25 -16.42
N ILE A 208 -11.99 -1.26 -15.85
CA ILE A 208 -11.72 -1.25 -14.42
C ILE A 208 -12.53 -0.14 -13.75
N GLY A 209 -13.74 -0.48 -13.31
CA GLY A 209 -14.61 0.50 -12.68
C GLY A 209 -14.86 0.21 -11.21
N PHE A 210 -14.24 -0.86 -10.70
CA PHE A 210 -14.42 -1.26 -9.31
C PHE A 210 -13.42 -0.60 -8.38
N ILE A 211 -12.56 0.29 -8.89
CA ILE A 211 -11.60 0.98 -8.03
C ILE A 211 -12.30 1.87 -7.01
N VAL A 212 -13.54 2.28 -7.29
CA VAL A 212 -14.30 3.06 -6.32
C VAL A 212 -14.59 2.26 -5.06
N ARG A 213 -14.45 0.93 -5.12
CA ARG A 213 -14.57 0.13 -3.90
C ARG A 213 -13.47 0.47 -2.92
N TYR A 214 -12.30 0.89 -3.42
CA TYR A 214 -11.17 1.20 -2.55
C TYR A 214 -11.37 2.49 -1.77
N LEU A 215 -12.38 3.28 -2.09
CA LEU A 215 -12.68 4.51 -1.35
C LEU A 215 -13.59 4.15 -0.17
N ALA A 216 -12.97 3.85 0.96
CA ALA A 216 -13.73 3.48 2.15
C ALA A 216 -14.52 4.66 2.68
N ASP A 217 -15.61 4.35 3.39
CA ASP A 217 -16.48 5.40 3.93
C ASP A 217 -15.79 6.32 4.93
N PRO A 218 -15.04 5.82 5.93
CA PRO A 218 -14.36 6.76 6.84
C PRO A 218 -13.41 7.72 6.15
N LEU A 219 -12.65 7.25 5.15
CA LEU A 219 -11.75 8.15 4.46
C LEU A 219 -12.53 9.15 3.60
N VAL A 220 -13.67 8.73 3.05
CA VAL A 220 -14.53 9.67 2.33
C VAL A 220 -15.02 10.77 3.27
N GLY A 221 -15.44 10.40 4.48
CA GLY A 221 -15.90 11.39 5.44
C GLY A 221 -14.80 12.34 5.86
N GLY A 222 -13.61 11.81 6.14
CA GLY A 222 -12.49 12.68 6.49
C GLY A 222 -12.09 13.62 5.37
N PHE A 223 -12.03 13.09 4.14
CA PHE A 223 -11.72 13.92 2.99
C PHE A 223 -12.77 15.00 2.80
N THR A 224 -14.05 14.66 3.00
CA THR A 224 -15.11 15.64 2.87
C THR A 224 -14.98 16.75 3.90
N THR A 225 -14.68 16.39 5.15
CA THR A 225 -14.49 17.41 6.18
C THR A 225 -13.31 18.32 5.85
N ALA A 226 -12.19 17.74 5.43
CA ALA A 226 -11.02 18.55 5.09
C ALA A 226 -11.30 19.46 3.90
N ALA A 227 -11.99 18.94 2.89
CA ALA A 227 -12.34 19.76 1.73
C ALA A 227 -13.29 20.89 2.12
N ALA A 228 -14.20 20.62 3.06
CA ALA A 228 -15.07 21.69 3.57
C ALA A 228 -14.24 22.77 4.25
N PHE A 229 -13.24 22.38 5.05
CA PHE A 229 -12.37 23.36 5.67
C PHE A 229 -11.64 24.20 4.63
N GLN A 230 -11.09 23.56 3.60
CA GLN A 230 -10.37 24.29 2.56
C GLN A 230 -11.29 25.26 1.84
N VAL A 231 -12.49 24.81 1.48
CA VAL A 231 -13.45 25.67 0.79
C VAL A 231 -13.84 26.85 1.67
N LEU A 232 -14.08 26.59 2.95
CA LEU A 232 -14.45 27.67 3.87
C LEU A 232 -13.33 28.70 3.96
N VAL A 233 -12.08 28.25 4.06
CA VAL A 233 -10.96 29.19 4.16
C VAL A 233 -10.84 30.03 2.89
N SER A 234 -10.93 29.38 1.73
CA SER A 234 -10.79 30.11 0.46
C SER A 234 -11.92 31.13 0.29
N GLN A 235 -13.15 30.71 0.58
CA GLN A 235 -14.28 31.62 0.39
C GLN A 235 -14.29 32.74 1.44
N LEU A 236 -13.76 32.47 2.64
CA LEU A 236 -13.58 33.53 3.62
C LEU A 236 -12.55 34.55 3.14
N LYS A 237 -11.47 34.08 2.55
CA LYS A 237 -10.49 34.99 1.94
C LYS A 237 -11.16 35.84 0.86
N ILE A 238 -12.02 35.22 0.04
CA ILE A 238 -12.71 35.98 -1.00
C ILE A 238 -13.66 37.00 -0.40
N VAL A 239 -14.40 36.61 0.65
CA VAL A 239 -15.40 37.50 1.25
C VAL A 239 -14.71 38.71 1.89
N LEU A 240 -13.64 38.48 2.64
CA LEU A 240 -12.99 39.55 3.37
C LEU A 240 -12.36 40.59 2.46
N ASN A 241 -12.17 40.29 1.18
CA ASN A 241 -11.58 41.21 0.22
C ASN A 241 -10.19 41.65 0.65
N VAL A 242 -9.42 40.70 1.19
CA VAL A 242 -8.06 40.95 1.63
C VAL A 242 -7.11 40.24 0.68
N SER A 243 -6.03 40.93 0.30
CA SER A 243 -5.06 40.38 -0.64
C SER A 243 -4.04 39.55 0.13
N THR A 244 -4.05 38.23 -0.10
CA THR A 244 -3.14 37.31 0.55
C THR A 244 -2.41 36.51 -0.52
N LYS A 245 -1.08 36.54 -0.48
CA LYS A 245 -0.29 35.79 -1.45
C LYS A 245 -0.46 34.29 -1.23
N ASN A 246 -0.49 33.55 -2.32
CA ASN A 246 -0.73 32.11 -2.23
C ASN A 246 0.49 31.38 -1.66
N TYR A 247 0.22 30.26 -0.98
CA TYR A 247 1.26 29.41 -0.44
C TYR A 247 1.12 28.01 -1.07
N ASN A 248 2.25 27.47 -1.53
CA ASN A 248 2.27 26.19 -2.21
C ASN A 248 3.08 25.19 -1.40
N GLY A 249 2.50 24.00 -1.17
CA GLY A 249 3.19 22.97 -0.42
C GLY A 249 2.38 22.48 0.77
N ILE A 250 3.07 22.09 1.83
CA ILE A 250 2.41 21.64 3.04
C ILE A 250 2.15 22.84 3.95
N LEU A 251 1.15 22.69 4.83
CA LEU A 251 0.78 23.72 5.80
C LEU A 251 0.37 25.02 5.12
N SER A 252 -0.14 24.92 3.88
CA SER A 252 -0.56 26.11 3.16
C SER A 252 -1.74 26.80 3.83
N ILE A 253 -2.70 26.01 4.32
CA ILE A 253 -3.91 26.57 4.91
C ILE A 253 -3.58 27.35 6.19
N ILE A 254 -2.63 26.84 6.98
CA ILE A 254 -2.25 27.54 8.20
C ILE A 254 -1.62 28.89 7.88
N TYR A 255 -0.72 28.93 6.90
CA TYR A 255 -0.11 30.19 6.50
C TYR A 255 -1.14 31.16 5.95
N THR A 256 -2.07 30.65 5.14
CA THR A 256 -3.13 31.50 4.61
C THR A 256 -3.97 32.11 5.73
N LEU A 257 -4.36 31.30 6.71
CA LEU A 257 -5.14 31.81 7.83
C LEU A 257 -4.35 32.82 8.65
N ILE A 258 -3.06 32.56 8.87
CA ILE A 258 -2.23 33.48 9.65
C ILE A 258 -2.14 34.83 8.94
N GLU A 259 -1.91 34.81 7.63
CA GLU A 259 -1.79 36.07 6.91
C GLU A 259 -3.14 36.78 6.80
N ILE A 260 -4.24 36.04 6.73
CA ILE A 260 -5.56 36.66 6.73
C ILE A 260 -5.80 37.36 8.07
N PHE A 261 -5.46 36.70 9.17
CA PHE A 261 -5.61 37.34 10.48
C PHE A 261 -4.67 38.52 10.63
N GLN A 262 -3.51 38.49 9.98
CA GLN A 262 -2.61 39.64 10.01
C GLN A 262 -3.17 40.82 9.23
N ASN A 263 -3.78 40.55 8.06
CA ASN A 263 -4.29 41.59 7.19
C ASN A 263 -5.75 41.94 7.46
N ILE A 264 -6.35 41.38 8.51
CA ILE A 264 -7.73 41.65 8.91
C ILE A 264 -8.02 43.14 9.02
N GLY A 265 -6.97 43.96 9.15
CA GLY A 265 -7.17 45.40 9.25
C GLY A 265 -7.54 46.10 7.96
N ASN A 266 -7.45 45.40 6.82
CA ASN A 266 -7.74 45.99 5.52
C ASN A 266 -9.05 45.51 4.92
N THR A 267 -9.92 44.88 5.71
CA THR A 267 -11.16 44.32 5.18
C THR A 267 -12.11 45.44 4.75
N ASN A 268 -12.94 45.11 3.75
CA ASN A 268 -13.98 46.02 3.27
C ASN A 268 -15.25 45.81 4.06
N LEU A 269 -15.89 46.90 4.47
CA LEU A 269 -17.07 46.79 5.33
C LEU A 269 -18.29 46.31 4.55
N ALA A 270 -18.51 46.85 3.34
CA ALA A 270 -19.71 46.53 2.59
C ALA A 270 -19.75 45.05 2.19
N ASP A 271 -18.63 44.52 1.70
CA ASP A 271 -18.59 43.12 1.30
C ASP A 271 -18.79 42.19 2.49
N PHE A 272 -18.16 42.51 3.62
CA PHE A 272 -18.34 41.69 4.82
C PHE A 272 -19.78 41.71 5.30
N ILE A 273 -20.41 42.89 5.30
CA ILE A 273 -21.80 43.00 5.73
C ILE A 273 -22.71 42.21 4.80
N ALA A 274 -22.49 42.33 3.49
CA ALA A 274 -23.32 41.60 2.52
C ALA A 274 -23.16 40.09 2.70
N GLY A 275 -21.93 39.63 2.87
CA GLY A 275 -21.70 38.20 3.07
C GLY A 275 -22.34 37.69 4.34
N LEU A 276 -22.20 38.42 5.44
CA LEU A 276 -22.79 38.01 6.70
C LEU A 276 -24.31 37.96 6.60
N LEU A 277 -24.92 38.99 5.99
CA LEU A 277 -26.37 39.01 5.85
C LEU A 277 -26.85 37.85 4.98
N THR A 278 -26.16 37.60 3.86
CA THR A 278 -26.55 36.50 2.99
C THR A 278 -26.45 35.16 3.72
N ILE A 279 -25.35 34.94 4.45
CA ILE A 279 -25.17 33.68 5.17
C ILE A 279 -26.28 33.51 6.20
N ILE A 280 -26.56 34.55 6.97
CA ILE A 280 -27.56 34.44 8.03
C ILE A 280 -28.94 34.17 7.44
N ILE A 281 -29.30 34.89 6.38
CA ILE A 281 -30.61 34.71 5.77
C ILE A 281 -30.75 33.31 5.19
N CYS A 282 -29.74 32.85 4.46
CA CYS A 282 -29.81 31.52 3.85
C CYS A 282 -29.89 30.44 4.92
N MET A 283 -29.09 30.56 5.99
CA MET A 283 -29.13 29.55 7.04
C MET A 283 -30.48 29.54 7.75
N ALA A 284 -31.05 30.71 8.02
CA ALA A 284 -32.35 30.76 8.67
C ALA A 284 -33.44 30.13 7.81
N VAL A 285 -33.48 30.50 6.52
CA VAL A 285 -34.51 29.96 5.65
C VAL A 285 -34.34 28.45 5.49
N LYS A 286 -33.10 27.98 5.39
CA LYS A 286 -32.87 26.54 5.30
C LYS A 286 -33.29 25.82 6.57
N GLU A 287 -33.05 26.43 7.74
CA GLU A 287 -33.46 25.80 8.99
C GLU A 287 -34.98 25.70 9.10
N LEU A 288 -35.69 26.77 8.76
CA LEU A 288 -37.16 26.70 8.79
C LEU A 288 -37.70 25.74 7.74
N ASN A 289 -37.03 25.63 6.59
CA ASN A 289 -37.45 24.65 5.59
C ASN A 289 -37.25 23.23 6.09
N ASP A 290 -36.13 22.97 6.77
CA ASP A 290 -35.87 21.63 7.29
C ASP A 290 -36.83 21.27 8.41
N ARG A 291 -37.08 22.20 9.32
CA ARG A 291 -37.98 21.90 10.45
C ARG A 291 -39.43 21.77 9.98
N PHE A 292 -39.87 22.67 9.10
CA PHE A 292 -41.21 22.60 8.52
C PHE A 292 -41.08 21.97 7.14
N LYS A 293 -41.24 20.65 7.08
CA LYS A 293 -40.94 19.89 5.88
C LYS A 293 -42.12 19.12 5.29
N HIS A 294 -43.22 18.97 6.02
CA HIS A 294 -44.33 18.16 5.51
C HIS A 294 -44.94 18.78 4.27
N LYS A 295 -44.96 20.11 4.18
CA LYS A 295 -45.48 20.82 3.03
C LYS A 295 -44.35 21.33 2.14
N ILE A 296 -44.71 21.75 0.94
CA ILE A 296 -43.79 22.32 -0.04
C ILE A 296 -42.67 21.33 -0.33
N PRO A 297 -42.94 20.22 -1.05
CA PRO A 297 -41.88 19.27 -1.35
C PRO A 297 -40.71 19.87 -2.11
N VAL A 298 -40.97 20.81 -3.00
CA VAL A 298 -39.88 21.48 -3.73
C VAL A 298 -39.11 22.38 -2.77
N PRO A 299 -37.78 22.41 -2.81
CA PRO A 299 -37.04 23.33 -1.94
C PRO A 299 -37.34 24.78 -2.28
N ILE A 300 -37.34 25.62 -1.26
CA ILE A 300 -37.59 27.05 -1.45
C ILE A 300 -36.35 27.69 -2.05
N PRO A 301 -36.46 28.37 -3.20
CA PRO A 301 -35.28 28.98 -3.84
C PRO A 301 -34.88 30.29 -3.20
N ILE A 302 -34.44 30.22 -1.94
CA ILE A 302 -34.03 31.41 -1.23
C ILE A 302 -32.78 32.02 -1.85
N GLU A 303 -31.88 31.17 -2.37
CA GLU A 303 -30.62 31.65 -2.92
C GLU A 303 -30.85 32.53 -4.13
N VAL A 304 -31.77 32.13 -5.02
CA VAL A 304 -32.04 32.91 -6.22
C VAL A 304 -32.63 34.27 -5.85
N ILE A 305 -33.56 34.29 -4.91
CA ILE A 305 -34.16 35.53 -4.47
C ILE A 305 -33.12 36.45 -3.85
N VAL A 306 -32.23 35.88 -3.02
CA VAL A 306 -31.16 36.65 -2.40
C VAL A 306 -30.27 37.27 -3.46
N THR A 307 -29.89 36.47 -4.47
CA THR A 307 -29.03 36.98 -5.53
C THR A 307 -29.71 38.10 -6.32
N ILE A 308 -31.00 37.93 -6.64
CA ILE A 308 -31.71 38.95 -7.40
C ILE A 308 -31.80 40.26 -6.60
N ILE A 309 -32.15 40.16 -5.33
CA ILE A 309 -32.26 41.37 -4.51
C ILE A 309 -30.90 42.04 -4.36
N ALA A 310 -29.84 41.25 -4.15
CA ALA A 310 -28.52 41.82 -3.98
C ALA A 310 -28.07 42.55 -5.24
N THR A 311 -28.25 41.93 -6.40
CA THR A 311 -27.82 42.59 -7.63
C THR A 311 -28.69 43.79 -7.96
N ALA A 312 -29.99 43.74 -7.63
CA ALA A 312 -30.85 44.90 -7.86
C ALA A 312 -30.40 46.08 -7.01
N ILE A 313 -30.13 45.85 -5.73
CA ILE A 313 -29.67 46.95 -4.87
C ILE A 313 -28.30 47.45 -5.33
N SER A 314 -27.40 46.54 -5.71
CA SER A 314 -26.08 46.94 -6.15
C SER A 314 -26.15 47.82 -7.39
N TYR A 315 -27.02 47.47 -8.34
CA TYR A 315 -27.19 48.32 -9.52
C TYR A 315 -27.88 49.63 -9.15
N ALA A 316 -28.80 49.60 -8.17
CA ALA A 316 -29.55 50.79 -7.83
C ALA A 316 -28.66 51.86 -7.19
N VAL A 317 -27.86 51.49 -6.19
CA VAL A 317 -27.09 52.46 -5.43
C VAL A 317 -25.59 52.41 -5.75
N ASN A 318 -25.17 51.57 -6.69
CA ASN A 318 -23.84 51.64 -7.30
C ASN A 318 -22.72 51.53 -6.25
N LEU A 319 -22.64 50.35 -5.64
CA LEU A 319 -21.58 50.08 -4.67
C LEU A 319 -20.19 50.12 -5.29
N GLU A 320 -20.09 49.95 -6.61
CA GLU A 320 -18.77 49.79 -7.23
C GLU A 320 -17.93 51.05 -7.10
N LYS A 321 -18.52 52.22 -7.36
CA LYS A 321 -17.76 53.46 -7.36
C LYS A 321 -17.87 54.25 -6.06
N ASN A 322 -18.86 53.96 -5.22
CA ASN A 322 -19.04 54.70 -3.98
C ASN A 322 -18.40 54.02 -2.78
N TYR A 323 -18.18 52.70 -2.86
CA TYR A 323 -17.58 51.97 -1.75
C TYR A 323 -16.45 51.03 -2.20
N ASN A 324 -16.07 51.08 -3.49
CA ASN A 324 -15.02 50.22 -4.03
C ASN A 324 -15.33 48.75 -3.79
N ALA A 325 -16.60 48.38 -3.98
CA ALA A 325 -17.02 47.00 -3.76
C ALA A 325 -16.48 46.09 -4.86
N GLY A 326 -16.38 44.80 -4.53
CA GLY A 326 -15.88 43.83 -5.48
C GLY A 326 -16.98 43.14 -6.26
N ILE A 327 -17.19 43.56 -7.50
CA ILE A 327 -18.20 42.99 -8.37
C ILE A 327 -17.52 42.15 -9.45
N VAL A 328 -18.33 41.39 -10.20
CA VAL A 328 -17.77 40.56 -11.26
C VAL A 328 -17.21 41.42 -12.39
N LYS A 329 -17.92 42.50 -12.73
CA LYS A 329 -17.40 43.59 -13.57
C LYS A 329 -17.24 43.16 -15.03
N SER A 330 -17.40 41.88 -15.33
CA SER A 330 -17.20 41.40 -16.69
C SER A 330 -17.80 40.02 -16.93
N ILE A 331 -18.65 39.91 -17.95
CA ILE A 331 -19.17 38.63 -18.41
C ILE A 331 -19.13 38.63 -19.94
N PRO A 332 -18.42 37.70 -20.57
CA PRO A 332 -18.35 37.70 -22.03
C PRO A 332 -19.69 37.35 -22.65
N ARG A 333 -19.91 37.87 -23.86
CA ARG A 333 -21.12 37.60 -24.64
C ARG A 333 -20.76 36.77 -25.86
N GLY A 334 -21.61 35.80 -26.18
CA GLY A 334 -21.36 34.92 -27.30
C GLY A 334 -20.51 33.73 -26.93
N PHE A 335 -20.11 32.99 -27.96
CA PHE A 335 -19.33 31.77 -27.81
C PHE A 335 -17.95 31.97 -28.40
N LEU A 336 -16.92 31.51 -27.67
CA LEU A 336 -15.55 31.63 -28.13
C LEU A 336 -15.16 30.44 -29.00
N PRO A 337 -14.24 30.64 -29.95
CA PRO A 337 -13.80 29.52 -30.78
C PRO A 337 -12.94 28.56 -29.98
N PRO A 338 -12.91 27.28 -30.35
CA PRO A 338 -12.07 26.31 -29.62
C PRO A 338 -10.60 26.56 -29.84
N GLU A 339 -9.80 26.19 -28.84
CA GLU A 339 -8.34 26.30 -28.90
C GLU A 339 -7.73 25.03 -28.35
N ILE A 340 -6.73 24.50 -29.07
CA ILE A 340 -6.06 23.27 -28.66
C ILE A 340 -5.13 23.57 -27.49
N PRO A 341 -5.28 22.89 -26.35
CA PRO A 341 -4.39 23.15 -25.23
C PRO A 341 -2.99 22.62 -25.51
N PRO A 342 -1.96 23.22 -24.92
CA PRO A 342 -0.59 22.69 -25.08
C PRO A 342 -0.41 21.43 -24.25
N ILE A 343 0.00 20.34 -24.93
CA ILE A 343 0.14 19.06 -24.24
C ILE A 343 1.46 18.93 -23.48
N SER A 344 2.43 19.82 -23.74
CA SER A 344 3.73 19.72 -23.10
C SER A 344 3.64 19.84 -21.58
N LEU A 345 2.57 20.45 -21.06
CA LEU A 345 2.39 20.60 -19.63
C LEU A 345 1.93 19.32 -18.95
N PHE A 346 1.57 18.29 -19.73
CA PHE A 346 1.05 17.04 -19.16
C PHE A 346 1.99 16.43 -18.15
N SER A 347 3.30 16.67 -18.30
CA SER A 347 4.27 16.07 -17.40
C SER A 347 4.19 16.61 -15.98
N GLU A 348 3.50 17.73 -15.76
CA GLU A 348 3.45 18.36 -14.44
C GLU A 348 2.06 18.31 -13.82
N MET A 349 1.16 17.48 -14.35
CA MET A 349 -0.21 17.45 -13.84
C MET A 349 -0.75 16.01 -13.74
N LEU A 350 0.11 15.04 -13.43
CA LEU A 350 -0.32 13.65 -13.39
C LEU A 350 -0.97 13.30 -12.05
N THR A 351 -0.26 13.53 -10.96
CA THR A 351 -0.75 13.13 -9.64
C THR A 351 -1.96 13.92 -9.19
N ALA A 352 -2.26 15.04 -9.86
CA ALA A 352 -3.47 15.79 -9.58
C ALA A 352 -4.63 15.35 -10.45
N SER A 353 -4.37 15.14 -11.74
CA SER A 353 -5.42 14.70 -12.66
C SER A 353 -5.95 13.32 -12.28
N PHE A 354 -5.05 12.43 -11.83
CA PHE A 354 -5.50 11.10 -11.40
C PHE A 354 -6.52 11.20 -10.28
N SER A 355 -6.20 11.97 -9.24
CA SER A 355 -7.10 12.11 -8.10
C SER A 355 -8.40 12.82 -8.49
N ILE A 356 -8.29 13.85 -9.33
CA ILE A 356 -9.49 14.57 -9.75
C ILE A 356 -10.43 13.66 -10.52
N ALA A 357 -9.89 12.87 -11.45
CA ALA A 357 -10.71 11.93 -12.20
C ALA A 357 -11.36 10.91 -11.28
N VAL A 358 -10.59 10.36 -10.34
CA VAL A 358 -11.13 9.33 -9.44
C VAL A 358 -12.27 9.92 -8.61
N VAL A 359 -12.06 11.12 -8.05
CA VAL A 359 -13.06 11.73 -7.17
C VAL A 359 -14.33 12.05 -7.96
N ALA A 360 -14.18 12.64 -9.15
CA ALA A 360 -15.35 12.98 -9.95
C ALA A 360 -16.15 11.75 -10.33
N TYR A 361 -15.45 10.69 -10.76
CA TYR A 361 -16.15 9.45 -11.11
C TYR A 361 -16.86 8.86 -9.91
N ALA A 362 -16.21 8.87 -8.74
CA ALA A 362 -16.83 8.30 -7.55
C ALA A 362 -18.09 9.05 -7.16
N ILE A 363 -18.05 10.38 -7.19
CA ILE A 363 -19.24 11.17 -6.87
C ILE A 363 -20.36 10.88 -7.85
N ALA A 364 -20.02 10.85 -9.15
CA ALA A 364 -21.03 10.63 -10.17
C ALA A 364 -21.71 9.26 -9.99
N VAL A 365 -20.91 8.21 -9.80
CA VAL A 365 -21.50 6.88 -9.66
C VAL A 365 -22.27 6.75 -8.37
N SER A 366 -21.81 7.40 -7.29
CA SER A 366 -22.55 7.33 -6.04
C SER A 366 -23.95 7.92 -6.21
N VAL A 367 -24.05 9.12 -6.77
CA VAL A 367 -25.36 9.74 -6.93
C VAL A 367 -26.21 8.94 -7.92
N GLY A 368 -25.60 8.44 -8.99
CA GLY A 368 -26.34 7.65 -9.96
C GLY A 368 -26.92 6.39 -9.35
N LYS A 369 -26.14 5.68 -8.55
CA LYS A 369 -26.63 4.48 -7.88
C LYS A 369 -27.73 4.82 -6.87
N VAL A 370 -27.56 5.90 -6.12
CA VAL A 370 -28.57 6.27 -5.14
C VAL A 370 -29.91 6.54 -5.82
N TYR A 371 -29.89 7.20 -6.98
CA TYR A 371 -31.16 7.45 -7.66
C TYR A 371 -31.68 6.21 -8.40
N ALA A 372 -30.77 5.36 -8.91
CA ALA A 372 -31.20 4.20 -9.68
C ALA A 372 -31.85 3.15 -8.78
N ILE A 373 -31.34 2.98 -7.56
CA ILE A 373 -31.98 2.04 -6.64
C ILE A 373 -33.38 2.52 -6.27
N LYS A 374 -33.60 3.84 -6.25
CA LYS A 374 -34.93 4.36 -5.98
C LYS A 374 -35.87 4.14 -7.17
N TYR A 375 -35.40 4.42 -8.39
CA TYR A 375 -36.25 4.31 -9.56
C TYR A 375 -36.14 2.96 -10.27
N ASP A 376 -35.49 1.98 -9.64
CA ASP A 376 -35.50 0.58 -10.10
C ASP A 376 -34.93 0.45 -11.51
N TYR A 377 -33.66 0.82 -11.65
CA TYR A 377 -32.89 0.52 -12.85
C TYR A 377 -31.42 0.46 -12.45
N THR A 378 -30.57 0.21 -13.44
CA THR A 378 -29.13 0.04 -13.20
C THR A 378 -28.33 0.90 -14.17
N ILE A 379 -27.13 1.28 -13.74
CA ILE A 379 -26.20 2.06 -14.54
C ILE A 379 -24.92 1.26 -14.72
N ASP A 380 -24.23 1.53 -15.83
CA ASP A 380 -22.99 0.84 -16.17
C ASP A 380 -21.80 1.70 -15.76
N GLY A 381 -20.96 1.17 -14.87
CA GLY A 381 -19.84 1.95 -14.38
C GLY A 381 -18.81 2.28 -15.45
N ASN A 382 -18.47 1.29 -16.29
CA ASN A 382 -17.50 1.54 -17.35
C ASN A 382 -18.05 2.51 -18.39
N GLN A 383 -19.35 2.43 -18.67
CA GLN A 383 -19.96 3.41 -19.56
C GLN A 383 -19.98 4.79 -18.92
N GLU A 384 -20.11 4.86 -17.60
CA GLU A 384 -19.97 6.15 -16.92
C GLU A 384 -18.56 6.71 -17.11
N PHE A 385 -17.54 5.86 -16.94
CA PHE A 385 -16.17 6.27 -17.25
C PHE A 385 -16.07 6.84 -18.65
N ILE A 386 -16.58 6.09 -19.64
CA ILE A 386 -16.43 6.50 -21.04
C ILE A 386 -17.14 7.82 -21.29
N ALA A 387 -18.38 7.94 -20.82
CA ALA A 387 -19.16 9.14 -21.05
C ALA A 387 -18.52 10.36 -20.40
N PHE A 388 -18.06 10.22 -19.16
CA PHE A 388 -17.46 11.36 -18.48
C PHE A 388 -16.10 11.72 -19.05
N GLY A 389 -15.33 10.74 -19.52
CA GLY A 389 -14.08 11.05 -20.19
C GLY A 389 -14.29 11.80 -21.48
N ILE A 390 -15.24 11.35 -22.30
CA ILE A 390 -15.55 12.05 -23.54
C ILE A 390 -16.06 13.46 -23.24
N SER A 391 -16.89 13.59 -22.21
CA SER A 391 -17.41 14.90 -21.84
C SER A 391 -16.30 15.83 -21.39
N ASN A 392 -15.35 15.33 -20.59
CA ASN A 392 -14.25 16.15 -20.14
C ASN A 392 -13.35 16.56 -21.29
N ILE A 393 -13.12 15.66 -22.25
CA ILE A 393 -12.31 16.02 -23.42
C ILE A 393 -13.02 17.12 -24.22
N PHE A 394 -14.31 16.94 -24.47
CA PHE A 394 -15.06 17.92 -25.27
C PHE A 394 -15.10 19.27 -24.58
N SER A 395 -15.30 19.29 -23.26
CA SER A 395 -15.31 20.55 -22.53
C SER A 395 -13.94 21.19 -22.47
N GLY A 396 -12.88 20.39 -22.30
CA GLY A 396 -11.53 20.94 -22.27
C GLY A 396 -11.12 21.55 -23.59
N PHE A 397 -11.64 21.01 -24.70
CA PHE A 397 -11.40 21.69 -25.97
C PHE A 397 -12.14 23.01 -26.09
N PHE A 398 -13.07 23.30 -25.17
CA PHE A 398 -13.89 24.51 -25.23
C PHE A 398 -13.72 25.38 -23.97
N SER A 399 -12.54 25.33 -23.34
CA SER A 399 -12.20 26.20 -22.21
C SER A 399 -13.17 26.01 -21.04
N CYS A 400 -13.17 24.79 -20.50
CA CYS A 400 -14.01 24.45 -19.36
C CYS A 400 -13.22 23.58 -18.39
N PHE A 401 -13.70 23.53 -17.15
CA PHE A 401 -13.08 22.69 -16.13
C PHE A 401 -13.95 21.46 -15.88
N VAL A 402 -13.48 20.60 -14.97
CA VAL A 402 -14.06 19.28 -14.81
C VAL A 402 -15.52 19.37 -14.36
N ALA A 403 -16.36 18.49 -14.92
CA ALA A 403 -17.78 18.47 -14.65
C ALA A 403 -18.20 17.15 -14.00
N THR A 404 -19.08 17.23 -13.02
CA THR A 404 -19.63 16.06 -12.35
C THR A 404 -21.05 16.33 -11.86
N THR A 405 -21.56 15.53 -10.92
CA THR A 405 -23.00 15.31 -10.77
C THR A 405 -23.72 16.31 -9.87
N ALA A 406 -23.09 16.83 -8.81
CA ALA A 406 -23.74 17.85 -7.97
C ALA A 406 -25.07 17.39 -7.38
N LEU A 407 -25.01 16.45 -6.42
CA LEU A 407 -26.20 15.83 -5.84
C LEU A 407 -27.29 16.85 -5.50
N SER A 408 -26.91 18.05 -5.06
CA SER A 408 -27.91 19.07 -4.73
C SER A 408 -28.74 19.45 -5.95
N ARG A 409 -28.06 19.80 -7.05
CA ARG A 409 -28.78 20.15 -8.27
C ARG A 409 -29.51 18.94 -8.84
N THR A 410 -28.95 17.75 -8.64
CA THR A 410 -29.64 16.54 -9.07
C THR A 410 -30.97 16.38 -8.35
N ALA A 411 -30.98 16.61 -7.03
CA ALA A 411 -32.22 16.54 -6.26
C ALA A 411 -33.19 17.63 -6.70
N VAL A 412 -32.68 18.83 -6.99
CA VAL A 412 -33.54 19.90 -7.48
C VAL A 412 -34.20 19.49 -8.80
N GLN A 413 -33.42 18.89 -9.70
CA GLN A 413 -33.98 18.44 -10.98
C GLN A 413 -35.02 17.34 -10.78
N GLU A 414 -34.73 16.36 -9.93
CA GLU A 414 -35.62 15.20 -9.82
C GLU A 414 -36.89 15.53 -9.06
N SER A 415 -36.81 16.34 -8.01
CA SER A 415 -38.00 16.63 -7.20
C SER A 415 -39.05 17.41 -7.97
N THR A 416 -38.69 18.03 -9.08
CA THR A 416 -39.62 18.82 -9.89
C THR A 416 -40.09 18.01 -11.10
N GLY A 417 -40.31 16.71 -10.91
CA GLY A 417 -40.79 15.86 -11.98
C GLY A 417 -39.68 15.20 -12.78
N GLY A 418 -38.79 14.49 -12.09
CA GLY A 418 -37.67 13.83 -12.73
C GLY A 418 -38.07 12.81 -13.77
N LYS A 419 -37.49 12.93 -14.96
CA LYS A 419 -37.76 12.05 -16.10
C LYS A 419 -36.48 11.91 -16.90
N THR A 420 -36.61 11.47 -18.16
CA THR A 420 -35.46 11.25 -19.01
C THR A 420 -34.63 12.52 -19.20
N GLN A 421 -33.46 12.37 -19.83
CA GLN A 421 -32.44 13.40 -19.97
C GLN A 421 -32.86 14.56 -20.86
N ILE A 422 -34.11 14.64 -21.33
CA ILE A 422 -34.55 15.81 -22.08
C ILE A 422 -34.49 17.05 -21.19
N ALA A 423 -34.72 16.88 -19.88
CA ALA A 423 -34.60 17.98 -18.95
C ALA A 423 -33.18 18.56 -18.96
N GLY A 424 -32.17 17.72 -19.16
CA GLY A 424 -30.82 18.24 -19.30
C GLY A 424 -30.66 19.13 -20.52
N ILE A 425 -31.26 18.74 -21.64
CA ILE A 425 -31.21 19.57 -22.84
C ILE A 425 -31.93 20.89 -22.61
N ILE A 426 -33.07 20.86 -21.91
CA ILE A 426 -33.79 22.09 -21.62
C ILE A 426 -32.97 23.00 -20.71
N SER A 427 -32.28 22.40 -19.72
CA SER A 427 -31.41 23.18 -18.85
C SER A 427 -30.27 23.80 -19.65
N ALA A 428 -29.68 23.05 -20.58
CA ALA A 428 -28.63 23.61 -21.43
C ALA A 428 -29.16 24.76 -22.28
N ALA A 429 -30.40 24.64 -22.77
CA ALA A 429 -31.01 25.73 -23.50
C ALA A 429 -31.18 26.97 -22.63
N VAL A 430 -31.62 26.78 -21.39
CA VAL A 430 -31.75 27.91 -20.47
C VAL A 430 -30.39 28.55 -20.22
N VAL A 431 -29.35 27.72 -20.05
CA VAL A 431 -28.01 28.24 -19.79
C VAL A 431 -27.51 29.05 -20.98
N MET A 432 -27.74 28.57 -22.20
CA MET A 432 -27.28 29.32 -23.37
C MET A 432 -28.08 30.59 -23.58
N ILE A 433 -29.38 30.58 -23.24
CA ILE A 433 -30.16 31.81 -23.27
C ILE A 433 -29.60 32.83 -22.29
N ALA A 434 -29.23 32.36 -21.09
CA ALA A 434 -28.60 33.25 -20.12
C ALA A 434 -27.26 33.78 -20.63
N ILE A 435 -26.50 32.92 -21.33
CA ILE A 435 -25.20 33.32 -21.85
C ILE A 435 -25.36 34.42 -22.90
N VAL A 436 -26.29 34.23 -23.84
CA VAL A 436 -26.38 35.11 -25.00
C VAL A 436 -26.90 36.49 -24.60
N ALA A 437 -27.94 36.53 -23.76
CA ALA A 437 -28.65 37.77 -23.49
C ALA A 437 -28.47 38.28 -22.07
N LEU A 438 -28.67 37.43 -21.06
CA LEU A 438 -28.72 37.87 -19.67
C LEU A 438 -27.34 38.10 -19.06
N GLY A 439 -26.28 38.20 -19.88
CA GLY A 439 -24.96 38.44 -19.33
C GLY A 439 -24.80 39.80 -18.69
N LYS A 440 -25.44 40.83 -19.26
CA LYS A 440 -25.26 42.19 -18.76
C LYS A 440 -26.00 42.41 -17.44
N LEU A 441 -27.09 41.68 -17.20
CA LEU A 441 -27.90 41.94 -16.01
C LEU A 441 -27.20 41.50 -14.73
N LEU A 442 -26.22 40.62 -14.82
CA LEU A 442 -25.51 40.11 -13.65
C LEU A 442 -24.21 40.86 -13.37
N GLU A 443 -23.93 41.93 -14.13
CA GLU A 443 -22.69 42.68 -13.91
C GLU A 443 -22.56 43.27 -12.51
N PRO A 444 -23.57 43.96 -11.95
CA PRO A 444 -23.37 44.60 -10.65
C PRO A 444 -23.35 43.65 -9.46
N LEU A 445 -23.56 42.35 -9.66
CA LEU A 445 -23.60 41.42 -8.54
C LEU A 445 -22.20 41.26 -7.93
N GLN A 446 -22.17 41.22 -6.60
CA GLN A 446 -20.92 41.07 -5.86
C GLN A 446 -20.52 39.60 -5.80
N LYS A 447 -19.20 39.36 -5.77
CA LYS A 447 -18.68 38.02 -5.60
C LYS A 447 -18.80 37.54 -4.15
N SER A 448 -18.89 38.49 -3.21
CA SER A 448 -19.04 38.10 -1.81
C SER A 448 -20.36 37.39 -1.57
N VAL A 449 -21.40 37.73 -2.34
CA VAL A 449 -22.68 37.04 -2.22
C VAL A 449 -22.54 35.58 -2.63
N LEU A 450 -21.87 35.34 -3.76
CA LEU A 450 -21.66 33.96 -4.21
C LEU A 450 -20.82 33.18 -3.21
N ALA A 451 -19.76 33.80 -2.68
CA ALA A 451 -18.94 33.13 -1.68
C ALA A 451 -19.75 32.84 -0.41
N ALA A 452 -20.65 33.76 -0.04
CA ALA A 452 -21.50 33.54 1.13
C ALA A 452 -22.44 32.37 0.92
N VAL A 453 -23.02 32.24 -0.28
CA VAL A 453 -23.87 31.08 -0.56
C VAL A 453 -23.06 29.79 -0.47
N VAL A 454 -21.86 29.78 -1.07
CA VAL A 454 -21.02 28.59 -1.03
C VAL A 454 -20.70 28.21 0.41
N ILE A 455 -20.39 29.20 1.25
CA ILE A 455 -20.13 28.92 2.66
C ILE A 455 -21.39 28.41 3.36
N ALA A 456 -22.55 28.99 3.05
CA ALA A 456 -23.78 28.60 3.70
C ALA A 456 -24.14 27.16 3.39
N ASN A 457 -23.75 26.66 2.22
CA ASN A 457 -24.09 25.29 1.86
C ASN A 457 -23.06 24.26 2.35
N LEU A 458 -22.31 24.56 3.40
CA LEU A 458 -21.21 23.69 3.82
C LEU A 458 -21.45 22.96 5.14
N LYS A 459 -22.68 23.02 5.66
CA LYS A 459 -22.92 22.47 7.00
C LYS A 459 -22.87 20.95 7.03
N GLY A 460 -23.52 20.30 6.05
CA GLY A 460 -23.52 18.85 6.02
C GLY A 460 -22.13 18.26 5.93
N MET A 461 -21.25 18.93 5.19
CA MET A 461 -19.85 18.52 5.13
C MET A 461 -19.15 18.75 6.47
N PHE A 462 -19.66 19.66 7.29
CA PHE A 462 -19.08 19.89 8.61
C PHE A 462 -19.67 18.97 9.68
N MET A 463 -20.72 18.22 9.35
CA MET A 463 -21.43 17.42 10.37
C MET A 463 -21.00 15.95 10.41
N GLN A 464 -19.73 15.62 10.21
CA GLN A 464 -19.25 14.26 10.45
C GLN A 464 -18.41 14.12 11.72
N VAL A 465 -18.01 15.23 12.34
CA VAL A 465 -17.30 15.18 13.60
C VAL A 465 -18.17 14.56 14.69
N CYS A 466 -19.50 14.63 14.54
CA CYS A 466 -20.39 13.94 15.45
C CYS A 466 -20.46 12.44 15.16
N ASP A 467 -20.24 12.04 13.91
CA ASP A 467 -20.20 10.63 13.57
C ASP A 467 -18.89 9.97 14.00
N VAL A 468 -17.81 10.75 14.12
CA VAL A 468 -16.52 10.16 14.50
C VAL A 468 -16.55 9.42 15.83
N PRO A 469 -17.11 9.96 16.93
CA PRO A 469 -17.02 9.24 18.21
C PRO A 469 -17.70 7.88 18.20
N ARG A 470 -18.88 7.76 17.60
CA ARG A 470 -19.55 6.46 17.53
C ARG A 470 -18.74 5.49 16.68
N LEU A 471 -18.14 5.98 15.60
CA LEU A 471 -17.27 5.14 14.79
C LEU A 471 -16.10 4.61 15.60
N TRP A 472 -15.50 5.45 16.44
CA TRP A 472 -14.44 4.98 17.32
C TRP A 472 -14.96 3.96 18.32
N ARG A 473 -16.17 4.18 18.84
CA ARG A 473 -16.74 3.25 19.81
C ARG A 473 -17.00 1.88 19.20
N GLN A 474 -17.36 1.84 17.92
CA GLN A 474 -17.71 0.58 17.26
C GLN A 474 -16.49 -0.18 16.76
N ASN A 475 -15.65 0.48 15.96
CA ASN A 475 -14.45 -0.16 15.41
C ASN A 475 -13.33 0.87 15.38
N LYS A 476 -12.23 0.58 16.09
CA LYS A 476 -11.16 1.55 16.23
C LYS A 476 -10.46 1.81 14.89
N THR A 477 -10.33 0.79 14.05
CA THR A 477 -9.61 0.94 12.79
C THR A 477 -10.30 1.94 11.87
N ASP A 478 -11.63 1.93 11.82
CA ASP A 478 -12.35 2.88 10.97
C ASP A 478 -12.15 4.32 11.45
N ALA A 479 -12.18 4.53 12.77
CA ALA A 479 -11.92 5.87 13.30
C ALA A 479 -10.50 6.31 13.02
N VAL A 480 -9.54 5.38 13.12
CA VAL A 480 -8.15 5.72 12.80
C VAL A 480 -8.02 6.12 11.35
N ILE A 481 -8.69 5.40 10.45
CA ILE A 481 -8.66 5.75 9.03
C ILE A 481 -9.28 7.12 8.81
N TRP A 482 -10.42 7.38 9.45
CA TRP A 482 -11.08 8.69 9.35
C TRP A 482 -10.14 9.81 9.77
N VAL A 483 -9.54 9.68 10.95
CA VAL A 483 -8.70 10.74 11.49
C VAL A 483 -7.43 10.91 10.65
N PHE A 484 -6.84 9.79 10.21
CA PHE A 484 -5.65 9.88 9.38
C PHE A 484 -5.95 10.57 8.06
N THR A 485 -7.06 10.22 7.41
CA THR A 485 -7.43 10.87 6.16
C THR A 485 -7.67 12.36 6.36
N CYS A 486 -8.38 12.73 7.43
CA CYS A 486 -8.64 14.14 7.69
C CYS A 486 -7.35 14.91 7.90
N ILE A 487 -6.47 14.39 8.78
CA ILE A 487 -5.23 15.09 9.09
C ILE A 487 -4.33 15.16 7.87
N ALA A 488 -4.22 14.07 7.11
CA ALA A 488 -3.38 14.08 5.92
C ALA A 488 -3.88 15.08 4.88
N SER A 489 -5.21 15.11 4.66
CA SER A 489 -5.75 16.09 3.73
C SER A 489 -5.63 17.51 4.26
N ILE A 490 -5.51 17.70 5.58
CA ILE A 490 -5.30 19.03 6.13
C ILE A 490 -3.88 19.50 5.87
N ILE A 491 -2.88 18.82 6.44
CA ILE A 491 -1.50 19.20 6.17
C ILE A 491 -0.93 18.40 5.00
N LEU A 492 -1.42 18.71 3.79
CA LEU A 492 -0.94 18.25 2.49
C LEU A 492 -1.85 18.86 1.44
N GLY A 493 -1.61 18.54 0.17
CA GLY A 493 -2.62 18.76 -0.84
C GLY A 493 -3.77 17.77 -0.67
N LEU A 494 -4.91 18.11 -1.28
CA LEU A 494 -6.07 17.24 -1.21
C LEU A 494 -5.83 15.92 -1.93
N ASP A 495 -5.22 15.99 -3.12
CA ASP A 495 -4.92 14.77 -3.87
C ASP A 495 -3.89 13.91 -3.15
N LEU A 496 -2.86 14.55 -2.59
CA LEU A 496 -1.87 13.82 -1.81
C LEU A 496 -2.52 13.16 -0.59
N GLY A 497 -3.45 13.87 0.06
CA GLY A 497 -4.17 13.28 1.17
C GLY A 497 -5.00 12.09 0.75
N LEU A 498 -5.66 12.17 -0.42
CA LEU A 498 -6.45 11.06 -0.90
C LEU A 498 -5.57 9.83 -1.17
N LEU A 499 -4.43 10.04 -1.83
CA LEU A 499 -3.52 8.92 -2.10
C LEU A 499 -2.99 8.32 -0.80
N ALA A 500 -2.63 9.17 0.16
CA ALA A 500 -2.16 8.69 1.44
C ALA A 500 -3.23 7.90 2.17
N GLY A 501 -4.48 8.35 2.09
CA GLY A 501 -5.57 7.61 2.70
C GLY A 501 -5.80 6.26 2.06
N LEU A 502 -5.69 6.20 0.73
CA LEU A 502 -5.83 4.92 0.04
C LEU A 502 -4.76 3.94 0.48
N MET A 503 -3.49 4.38 0.48
CA MET A 503 -2.41 3.49 0.88
C MET A 503 -2.49 3.14 2.36
N PHE A 504 -3.01 4.05 3.19
CA PHE A 504 -3.18 3.73 4.60
C PHE A 504 -4.28 2.70 4.81
N GLY A 505 -5.36 2.76 4.01
CA GLY A 505 -6.35 1.72 4.06
C GLY A 505 -5.78 0.36 3.65
N PHE A 506 -4.97 0.35 2.60
CA PHE A 506 -4.29 -0.88 2.20
C PHE A 506 -3.41 -1.41 3.33
N LEU A 507 -2.66 -0.52 3.98
CA LEU A 507 -1.79 -0.93 5.08
C LEU A 507 -2.60 -1.48 6.26
N THR A 508 -3.74 -0.86 6.57
CA THR A 508 -4.57 -1.35 7.66
C THR A 508 -5.12 -2.74 7.35
N VAL A 509 -5.54 -2.97 6.11
CA VAL A 509 -6.00 -4.30 5.72
C VAL A 509 -4.88 -5.32 5.87
N VAL A 510 -3.67 -4.97 5.40
CA VAL A 510 -2.54 -5.88 5.48
C VAL A 510 -2.21 -6.19 6.94
N VAL A 511 -2.23 -5.17 7.80
CA VAL A 511 -1.90 -5.37 9.21
C VAL A 511 -2.96 -6.23 9.89
N ARG A 512 -4.24 -6.00 9.57
CA ARG A 512 -5.30 -6.83 10.16
C ARG A 512 -5.15 -8.28 9.74
N VAL A 513 -4.74 -8.53 8.49
CA VAL A 513 -4.45 -9.90 8.06
C VAL A 513 -3.22 -10.48 8.74
N GLN A 514 -2.20 -9.66 9.00
CA GLN A 514 -0.91 -10.14 9.49
C GLN A 514 -0.95 -10.57 10.95
N PHE A 515 -1.77 -9.94 11.79
CA PHE A 515 -1.84 -10.30 13.20
C PHE A 515 -3.21 -10.90 13.53
N PRO A 516 -3.43 -12.18 13.23
CA PRO A 516 -4.76 -12.76 13.43
C PRO A 516 -4.99 -13.30 14.82
N SER A 517 -6.12 -13.98 15.00
CA SER A 517 -6.40 -14.71 16.23
C SER A 517 -5.86 -16.13 16.14
N TRP A 518 -5.49 -16.68 17.30
CA TRP A 518 -5.06 -18.06 17.40
C TRP A 518 -5.47 -18.59 18.77
N ASN A 519 -5.70 -19.89 18.84
CA ASN A 519 -6.23 -20.51 20.04
C ASN A 519 -5.73 -21.94 20.18
N SER A 520 -5.81 -22.45 21.41
CA SER A 520 -5.56 -23.85 21.71
C SER A 520 -6.89 -24.49 22.07
N LEU A 521 -7.29 -25.51 21.31
CA LEU A 521 -8.65 -26.03 21.37
C LEU A 521 -8.71 -27.36 22.13
N GLY A 522 -9.85 -27.57 22.80
CA GLY A 522 -10.15 -28.85 23.42
C GLY A 522 -11.62 -29.16 23.24
N SER A 523 -11.97 -30.42 23.51
CA SER A 523 -13.27 -30.96 23.16
C SER A 523 -14.28 -30.79 24.31
N ILE A 524 -15.50 -30.44 23.94
CA ILE A 524 -16.62 -30.49 24.89
C ILE A 524 -17.00 -31.95 25.11
N PRO A 525 -17.14 -32.40 26.36
CA PRO A 525 -17.36 -33.83 26.60
C PRO A 525 -18.62 -34.36 25.93
N ASN A 526 -18.52 -35.59 25.42
CA ASN A 526 -19.62 -36.35 24.82
C ASN A 526 -20.16 -35.70 23.55
N THR A 527 -19.38 -34.81 22.91
CA THR A 527 -19.78 -34.19 21.66
C THR A 527 -18.56 -34.16 20.74
N ASP A 528 -18.72 -33.50 19.59
CA ASP A 528 -17.63 -33.30 18.64
C ASP A 528 -17.37 -31.81 18.44
N ILE A 529 -17.53 -31.02 19.51
CA ILE A 529 -17.37 -29.57 19.46
C ILE A 529 -16.09 -29.21 20.19
N TYR A 530 -15.21 -28.48 19.51
CA TYR A 530 -13.92 -28.07 20.06
C TYR A 530 -13.88 -26.56 20.18
N ARG A 531 -13.57 -26.08 21.38
CA ARG A 531 -13.50 -24.65 21.67
C ARG A 531 -12.25 -24.36 22.48
N SER A 532 -11.93 -23.09 22.63
CA SER A 532 -10.73 -22.70 23.37
C SER A 532 -10.86 -23.12 24.84
N THR A 533 -9.74 -23.60 25.39
CA THR A 533 -9.77 -24.20 26.73
C THR A 533 -9.96 -23.14 27.81
N LYS A 534 -9.45 -21.93 27.61
CA LYS A 534 -9.42 -20.90 28.64
C LYS A 534 -10.67 -20.03 28.67
N ASP A 535 -11.69 -20.35 27.87
CA ASP A 535 -12.87 -19.51 27.78
C ASP A 535 -14.12 -20.10 28.41
N TYR A 536 -14.32 -21.42 28.32
CA TYR A 536 -15.59 -22.02 28.72
C TYR A 536 -15.54 -22.76 30.04
N LYS A 537 -14.37 -22.99 30.60
CA LYS A 537 -14.15 -23.55 31.94
C LYS A 537 -14.62 -24.99 32.08
N ASN A 538 -15.20 -25.60 31.05
CA ASN A 538 -15.57 -27.00 31.07
C ASN A 538 -14.88 -27.78 29.96
N ILE A 539 -13.87 -27.19 29.32
CA ILE A 539 -13.15 -27.83 28.22
C ILE A 539 -12.05 -28.70 28.81
N GLU A 540 -12.00 -29.96 28.38
CA GLU A 540 -11.00 -30.91 28.83
C GLU A 540 -9.93 -31.08 27.75
N GLU A 541 -8.68 -30.95 28.15
CA GLU A 541 -7.57 -31.10 27.22
C GLU A 541 -7.29 -32.58 26.98
N PRO A 542 -7.20 -33.03 25.72
CA PRO A 542 -6.93 -34.45 25.47
C PRO A 542 -5.52 -34.84 25.89
N GLU A 543 -5.25 -36.14 25.96
CA GLU A 543 -4.02 -36.66 26.53
C GLU A 543 -2.95 -36.74 25.45
N GLY A 544 -1.88 -35.98 25.62
CA GLY A 544 -0.71 -36.10 24.78
C GLY A 544 -0.85 -35.53 23.38
N VAL A 545 -1.79 -34.61 23.16
CA VAL A 545 -1.98 -33.99 21.86
C VAL A 545 -2.38 -32.53 22.06
N LYS A 546 -1.92 -31.67 21.17
CA LYS A 546 -2.25 -30.26 21.18
C LYS A 546 -2.96 -29.88 19.89
N ILE A 547 -3.99 -29.04 20.00
CA ILE A 547 -4.75 -28.56 18.86
C ILE A 547 -4.61 -27.05 18.80
N LEU A 548 -4.18 -26.54 17.65
CA LEU A 548 -3.95 -25.12 17.46
C LEU A 548 -4.76 -24.62 16.27
N ARG A 549 -5.47 -23.51 16.46
CA ARG A 549 -6.19 -22.83 15.40
C ARG A 549 -5.53 -21.48 15.13
N PHE A 550 -5.24 -21.21 13.87
CA PHE A 550 -4.59 -19.98 13.42
C PHE A 550 -5.49 -19.37 12.35
N SER A 551 -6.38 -18.46 12.76
CA SER A 551 -7.49 -18.03 11.90
C SER A 551 -7.01 -16.92 10.95
N SER A 552 -6.33 -17.34 9.89
CA SER A 552 -5.88 -16.43 8.84
C SER A 552 -5.25 -17.27 7.72
N PRO A 553 -5.15 -16.70 6.52
CA PRO A 553 -4.26 -17.27 5.51
C PRO A 553 -2.82 -17.16 5.95
N ILE A 554 -1.94 -17.90 5.29
CA ILE A 554 -0.55 -18.02 5.71
C ILE A 554 0.35 -17.41 4.64
N PHE A 555 1.07 -16.36 5.03
CA PHE A 555 2.14 -15.77 4.21
C PHE A 555 3.28 -15.40 5.15
N TYR A 556 4.28 -14.69 4.63
CA TYR A 556 5.55 -14.53 5.33
C TYR A 556 5.38 -13.95 6.74
N GLY A 557 4.68 -12.83 6.87
CA GLY A 557 4.37 -12.33 8.19
C GLY A 557 3.61 -13.36 9.00
N ASN A 558 2.65 -14.03 8.36
CA ASN A 558 1.89 -15.07 9.03
C ASN A 558 2.74 -16.30 9.33
N VAL A 559 3.76 -16.61 8.50
CA VAL A 559 4.60 -17.77 8.84
C VAL A 559 5.44 -17.48 10.08
N ASP A 560 5.96 -16.24 10.20
CA ASP A 560 6.68 -15.89 11.43
C ASP A 560 5.75 -15.94 12.64
N GLY A 561 4.55 -15.36 12.50
CA GLY A 561 3.60 -15.41 13.59
C GLY A 561 3.21 -16.83 13.96
N LEU A 562 3.05 -17.69 12.96
CA LEU A 562 2.63 -19.07 13.20
C LEU A 562 3.75 -19.87 13.87
N LYS A 563 5.00 -19.64 13.47
CA LYS A 563 6.11 -20.29 14.16
C LYS A 563 6.16 -19.87 15.63
N LYS A 564 5.99 -18.56 15.89
CA LYS A 564 5.98 -18.11 17.28
C LYS A 564 4.81 -18.73 18.06
N CYS A 565 3.63 -18.77 17.45
CA CYS A 565 2.46 -19.34 18.14
C CYS A 565 2.65 -20.83 18.41
N ILE A 566 3.20 -21.58 17.46
CA ILE A 566 3.45 -23.01 17.68
C ILE A 566 4.45 -23.20 18.80
N LYS A 567 5.53 -22.41 18.81
CA LYS A 567 6.53 -22.54 19.86
C LYS A 567 5.92 -22.24 21.23
N SER A 568 5.08 -21.20 21.30
CA SER A 568 4.43 -20.88 22.58
C SER A 568 3.46 -21.97 23.00
N THR A 569 2.69 -22.52 22.06
CA THR A 569 1.65 -23.48 22.41
C THR A 569 2.24 -24.82 22.85
N VAL A 570 3.18 -25.37 22.07
CA VAL A 570 3.70 -26.69 22.40
C VAL A 570 4.63 -26.65 23.61
N GLY A 571 5.11 -25.48 24.00
CA GLY A 571 5.97 -25.35 25.15
C GLY A 571 7.46 -25.50 24.90
N PHE A 572 7.85 -25.76 23.65
CA PHE A 572 9.26 -25.95 23.31
C PHE A 572 9.41 -25.73 21.81
N ASP A 573 10.58 -26.10 21.29
CA ASP A 573 10.84 -26.11 19.86
C ASP A 573 11.71 -27.30 19.50
N ALA A 574 11.66 -27.70 18.23
CA ALA A 574 12.33 -28.93 17.81
C ALA A 574 13.84 -28.76 17.69
N ILE A 575 14.30 -27.58 17.28
CA ILE A 575 15.73 -27.40 16.98
C ILE A 575 16.57 -27.54 18.25
N ARG A 576 16.17 -26.83 19.32
CA ARG A 576 16.95 -26.87 20.55
C ARG A 576 16.97 -28.27 21.15
N VAL A 577 15.83 -28.95 21.19
CA VAL A 577 15.80 -30.28 21.79
C VAL A 577 16.59 -31.28 20.96
N TYR A 578 16.49 -31.17 19.63
CA TYR A 578 17.29 -32.05 18.77
C TYR A 578 18.78 -31.84 18.98
N ASN A 579 19.20 -30.57 19.05
CA ASN A 579 20.62 -30.28 19.26
C ASN A 579 21.08 -30.78 20.63
N LYS A 580 20.26 -30.58 21.66
CA LYS A 580 20.64 -31.03 23.01
C LYS A 580 20.73 -32.55 23.07
N ARG A 581 19.79 -33.26 22.45
CA ARG A 581 19.84 -34.71 22.42
C ARG A 581 21.04 -35.22 21.65
N LEU A 582 21.39 -34.55 20.54
CA LEU A 582 22.58 -34.94 19.80
C LEU A 582 23.84 -34.71 20.62
N LYS A 583 23.90 -33.58 21.35
CA LYS A 583 25.06 -33.29 22.17
C LYS A 583 25.20 -34.31 23.31
N ALA A 584 24.07 -34.71 23.91
CA ALA A 584 24.11 -35.68 24.99
C ALA A 584 24.65 -37.02 24.50
N LEU A 585 24.25 -37.44 23.30
CA LEU A 585 24.74 -38.69 22.73
C LEU A 585 26.16 -38.54 22.19
N PRO A 654 6.67 -34.69 26.34
CA PRO A 654 5.35 -34.45 26.95
C PRO A 654 4.23 -34.50 25.92
N ILE A 655 4.55 -34.16 24.68
CA ILE A 655 3.59 -34.12 23.58
C ILE A 655 4.06 -35.07 22.49
N HIS A 656 3.17 -35.96 22.04
CA HIS A 656 3.49 -36.91 20.99
C HIS A 656 2.70 -36.69 19.71
N SER A 657 1.84 -35.67 19.66
CA SER A 657 1.07 -35.39 18.46
C SER A 657 0.62 -33.95 18.47
N LEU A 658 0.53 -33.36 17.28
CA LEU A 658 0.08 -31.98 17.12
C LEU A 658 -0.90 -31.91 15.96
N VAL A 659 -2.05 -31.29 16.19
CA VAL A 659 -3.10 -31.16 15.20
C VAL A 659 -3.32 -29.67 14.92
N LEU A 660 -3.37 -29.32 13.63
CA LEU A 660 -3.55 -27.93 13.21
C LEU A 660 -4.93 -27.79 12.57
N ASP A 661 -5.73 -26.88 13.10
CA ASP A 661 -7.05 -26.58 12.55
C ASP A 661 -6.88 -25.45 11.54
N CYS A 662 -7.10 -25.76 10.26
CA CYS A 662 -6.85 -24.83 9.16
C CYS A 662 -8.14 -24.50 8.42
N GLY A 663 -9.25 -24.38 9.15
CA GLY A 663 -10.51 -24.05 8.51
C GLY A 663 -10.57 -22.62 7.99
N ALA A 664 -9.76 -21.72 8.55
CA ALA A 664 -9.78 -20.32 8.19
C ALA A 664 -8.61 -19.91 7.28
N VAL A 665 -7.83 -20.88 6.80
CA VAL A 665 -6.72 -20.58 5.91
C VAL A 665 -7.28 -20.33 4.52
N SER A 666 -7.23 -19.08 4.06
CA SER A 666 -7.83 -18.71 2.79
C SER A 666 -6.94 -19.07 1.61
N PHE A 667 -5.74 -18.48 1.56
CA PHE A 667 -4.81 -18.68 0.46
C PHE A 667 -3.44 -19.08 1.00
N LEU A 668 -2.50 -19.30 0.09
CA LEU A 668 -1.17 -19.79 0.44
C LEU A 668 -0.18 -19.32 -0.61
N ASP A 669 1.08 -19.18 -0.19
CA ASP A 669 2.18 -18.82 -1.08
C ASP A 669 3.34 -19.79 -0.89
N VAL A 670 4.43 -19.54 -1.61
CA VAL A 670 5.57 -20.46 -1.58
C VAL A 670 6.25 -20.42 -0.20
N VAL A 671 6.32 -19.24 0.41
CA VAL A 671 6.95 -19.12 1.73
C VAL A 671 6.16 -19.91 2.76
N GLY A 672 4.83 -19.87 2.67
CA GLY A 672 4.01 -20.65 3.58
C GLY A 672 4.22 -22.15 3.42
N VAL A 673 4.32 -22.61 2.17
CA VAL A 673 4.57 -24.03 1.92
C VAL A 673 5.93 -24.44 2.47
N ARG A 674 6.95 -23.60 2.25
CA ARG A 674 8.28 -23.90 2.79
C ARG A 674 8.26 -23.97 4.31
N SER A 675 7.58 -23.02 4.96
CA SER A 675 7.49 -23.03 6.41
C SER A 675 6.77 -24.26 6.92
N LEU A 676 5.67 -24.66 6.27
CA LEU A 676 4.96 -25.86 6.69
C LEU A 676 5.83 -27.10 6.52
N ARG A 677 6.55 -27.21 5.40
CA ARG A 677 7.44 -28.35 5.20
C ARG A 677 8.51 -28.40 6.27
N MET A 678 9.13 -27.25 6.58
CA MET A 678 10.15 -27.21 7.62
C MET A 678 9.59 -27.61 8.98
N ILE A 679 8.38 -27.13 9.30
CA ILE A 679 7.77 -27.46 10.58
C ILE A 679 7.52 -28.96 10.68
N VAL A 680 6.98 -29.55 9.61
CA VAL A 680 6.69 -30.98 9.62
C VAL A 680 7.98 -31.78 9.78
N LYS A 681 9.03 -31.41 9.04
CA LYS A 681 10.29 -32.16 9.14
C LYS A 681 10.90 -32.03 10.54
N GLU A 682 10.96 -30.80 11.07
CA GLU A 682 11.55 -30.59 12.40
C GLU A 682 10.78 -31.36 13.48
N PHE A 683 9.45 -31.40 13.37
CA PHE A 683 8.69 -32.12 14.38
C PHE A 683 8.80 -33.63 14.21
N GLN A 684 8.94 -34.13 12.98
CA GLN A 684 9.15 -35.56 12.77
C GLN A 684 10.56 -35.99 13.17
N ARG A 685 11.52 -35.06 13.25
CA ARG A 685 12.86 -35.42 13.70
C ARG A 685 12.86 -35.94 15.13
N ILE A 686 12.07 -35.33 16.01
CA ILE A 686 12.03 -35.69 17.41
C ILE A 686 10.85 -36.62 17.72
N ASP A 687 10.31 -37.30 16.70
CA ASP A 687 9.23 -38.28 16.85
C ASP A 687 7.97 -37.62 17.44
N VAL A 688 7.53 -36.58 16.73
CA VAL A 688 6.28 -35.90 17.03
C VAL A 688 5.50 -35.76 15.73
N HIS A 689 4.28 -36.28 15.72
CA HIS A 689 3.48 -36.30 14.50
C HIS A 689 2.64 -35.03 14.38
N VAL A 690 2.58 -34.50 13.17
CA VAL A 690 1.81 -33.30 12.85
C VAL A 690 0.72 -33.68 11.86
N TYR A 691 -0.51 -33.29 12.15
CA TYR A 691 -1.65 -33.58 11.31
C TYR A 691 -2.37 -32.29 10.94
N PHE A 692 -3.01 -32.30 9.78
CA PHE A 692 -3.77 -31.16 9.28
C PHE A 692 -5.23 -31.56 9.11
N ALA A 693 -6.13 -30.62 9.40
CA ALA A 693 -7.56 -30.88 9.32
C ALA A 693 -8.30 -29.64 8.85
N SER A 694 -9.44 -29.85 8.20
CA SER A 694 -10.32 -28.78 7.73
C SER A 694 -9.66 -27.88 6.71
N LEU A 695 -8.75 -28.42 5.91
CA LEU A 695 -8.13 -27.64 4.85
C LEU A 695 -9.01 -27.64 3.61
N GLN A 696 -9.20 -26.46 3.02
CA GLN A 696 -10.00 -26.35 1.82
C GLN A 696 -9.30 -26.99 0.63
N ASP A 697 -10.08 -27.31 -0.41
CA ASP A 697 -9.53 -28.00 -1.57
C ASP A 697 -8.47 -27.17 -2.28
N HIS A 698 -8.84 -25.94 -2.70
CA HIS A 698 -7.95 -25.13 -3.51
C HIS A 698 -6.60 -24.93 -2.83
N VAL A 699 -6.61 -24.83 -1.50
CA VAL A 699 -5.36 -24.83 -0.75
C VAL A 699 -4.63 -26.16 -0.94
N ILE A 700 -5.38 -27.26 -1.06
CA ILE A 700 -4.72 -28.56 -1.22
C ILE A 700 -4.03 -28.66 -2.57
N GLU A 701 -4.67 -28.20 -3.65
CA GLU A 701 -3.95 -28.18 -4.93
C GLU A 701 -2.81 -27.16 -4.92
N LYS A 702 -2.98 -26.05 -4.20
CA LYS A 702 -1.86 -25.12 -4.08
C LYS A 702 -0.65 -25.78 -3.42
N LEU A 703 -0.90 -26.57 -2.38
CA LEU A 703 0.17 -27.36 -1.77
C LEU A 703 0.74 -28.38 -2.76
N GLU A 704 -0.14 -29.03 -3.54
CA GLU A 704 0.31 -30.06 -4.47
C GLU A 704 1.26 -29.47 -5.52
N GLN A 705 0.91 -28.34 -6.11
CA GLN A 705 1.71 -27.80 -7.21
C GLN A 705 2.97 -27.07 -6.72
N CYS A 706 3.11 -26.86 -5.42
CA CYS A 706 4.31 -26.26 -4.86
C CYS A 706 5.35 -27.28 -4.43
N GLY A 707 5.13 -28.56 -4.73
CA GLY A 707 6.08 -29.59 -4.36
C GLY A 707 6.06 -29.98 -2.90
N PHE A 708 4.93 -29.77 -2.20
CA PHE A 708 4.85 -30.15 -0.80
C PHE A 708 4.94 -31.66 -0.62
N PHE A 709 4.25 -32.42 -1.48
CA PHE A 709 4.11 -33.86 -1.28
C PHE A 709 5.31 -34.62 -1.85
N ASN A 710 6.46 -34.40 -1.20
CA ASN A 710 7.69 -35.11 -1.50
C ASN A 710 8.34 -35.56 -0.20
N ASP A 711 9.14 -36.63 -0.31
CA ASP A 711 9.87 -37.19 0.83
C ASP A 711 8.92 -37.66 1.93
N SER A 712 8.09 -38.64 1.58
CA SER A 712 7.23 -39.36 2.52
C SER A 712 6.27 -38.41 3.24
N ILE A 713 5.38 -37.82 2.46
CA ILE A 713 4.23 -37.08 2.97
C ILE A 713 2.92 -37.83 2.68
N ARG A 714 2.69 -38.19 1.42
CA ARG A 714 1.70 -39.16 0.98
C ARG A 714 0.26 -38.74 1.23
N LYS A 715 0.01 -37.51 1.67
CA LYS A 715 -1.33 -36.97 1.89
C LYS A 715 -2.15 -37.77 2.91
N ASP A 716 -1.52 -38.68 3.65
CA ASP A 716 -2.22 -39.50 4.62
C ASP A 716 -2.42 -38.80 5.95
N ILE A 717 -1.82 -37.64 6.15
CA ILE A 717 -1.92 -36.91 7.40
C ILE A 717 -2.93 -35.76 7.32
N PHE A 718 -3.90 -35.86 6.40
CA PHE A 718 -4.92 -34.84 6.20
C PHE A 718 -6.28 -35.43 6.54
N PHE A 719 -7.05 -34.70 7.35
CA PHE A 719 -8.37 -35.15 7.78
C PHE A 719 -9.40 -34.07 7.49
N LEU A 720 -10.67 -34.49 7.43
CA LEU A 720 -11.75 -33.59 7.03
C LEU A 720 -12.06 -32.55 8.09
N THR A 721 -12.19 -32.98 9.35
CA THR A 721 -12.48 -32.10 10.47
C THR A 721 -11.65 -32.54 11.66
N VAL A 722 -11.62 -31.71 12.70
CA VAL A 722 -10.91 -32.17 13.90
C VAL A 722 -11.89 -32.91 14.78
N HIS A 723 -12.30 -34.09 14.33
CA HIS A 723 -12.72 -35.20 15.18
C HIS A 723 -12.27 -36.53 14.63
N ASP A 724 -12.03 -36.64 13.32
CA ASP A 724 -11.49 -37.85 12.72
C ASP A 724 -10.03 -38.04 13.11
N ALA A 725 -9.28 -36.94 13.20
CA ALA A 725 -7.89 -37.02 13.63
C ALA A 725 -7.78 -37.54 15.06
N ILE A 726 -8.65 -37.06 15.95
CA ILE A 726 -8.63 -37.51 17.33
C ILE A 726 -8.98 -38.99 17.43
N LEU A 727 -10.00 -39.43 16.67
CA LEU A 727 -10.36 -40.84 16.67
C LEU A 727 -9.24 -41.71 16.10
N HIS A 728 -8.58 -41.24 15.05
CA HIS A 728 -7.46 -41.97 14.47
C HIS A 728 -6.31 -42.08 15.46
N LEU A 729 -6.04 -41.01 16.20
CA LEU A 729 -5.02 -41.06 17.24
C LEU A 729 -5.40 -42.05 18.34
N ARG A 730 -6.67 -42.03 18.76
CA ARG A 730 -7.13 -42.95 19.79
C ARG A 730 -7.11 -44.40 19.34
N SER A 731 -7.20 -44.65 18.03
CA SER A 731 -7.10 -46.02 17.52
C SER A 731 -5.70 -46.59 17.63
N GLN A 732 -4.69 -45.76 17.92
CA GLN A 732 -3.33 -46.23 18.05
C GLN A 732 -2.86 -46.12 19.50
N SER B 17 -12.44 -50.43 10.38
CA SER B 17 -11.62 -49.80 11.41
C SER B 17 -12.47 -48.93 12.33
N CYS B 18 -11.89 -47.81 12.76
CA CYS B 18 -12.60 -46.87 13.62
C CYS B 18 -13.75 -46.20 12.88
N SER B 19 -14.81 -45.88 13.61
CA SER B 19 -16.01 -45.28 13.05
C SER B 19 -16.31 -43.96 13.74
N TYR B 20 -17.06 -43.11 13.05
CA TYR B 20 -17.44 -41.78 13.53
C TYR B 20 -18.89 -41.88 14.02
N VAL B 21 -19.05 -41.93 15.34
CA VAL B 21 -20.37 -42.04 15.97
C VAL B 21 -20.49 -40.94 17.02
N VAL B 22 -21.58 -40.18 16.95
CA VAL B 22 -21.83 -39.11 17.90
C VAL B 22 -23.34 -38.90 18.01
N SER B 23 -23.80 -38.61 19.22
CA SER B 23 -25.20 -38.32 19.48
C SER B 23 -25.29 -37.12 20.42
N ARG B 24 -25.96 -36.07 19.99
CA ARG B 24 -26.10 -34.85 20.77
C ARG B 24 -27.30 -34.06 20.25
N PRO B 25 -27.84 -33.16 21.04
CA PRO B 25 -28.91 -32.29 20.54
C PRO B 25 -28.38 -31.28 19.55
N VAL B 26 -29.30 -30.72 18.76
CA VAL B 26 -28.95 -29.66 17.83
C VAL B 26 -28.74 -28.37 18.61
N TYR B 27 -27.58 -27.74 18.42
CA TYR B 27 -27.17 -26.61 19.22
C TYR B 27 -27.06 -25.36 18.35
N SER B 28 -27.95 -24.40 18.60
CA SER B 28 -27.77 -23.05 18.09
C SER B 28 -26.86 -22.26 19.03
N GLU B 29 -26.49 -21.06 18.61
CA GLU B 29 -25.62 -20.24 19.45
C GLU B 29 -26.29 -19.89 20.77
N LEU B 30 -27.60 -19.58 20.74
CA LEU B 30 -28.31 -19.20 21.95
C LEU B 30 -28.38 -20.36 22.94
N ALA B 31 -28.78 -21.54 22.47
CA ALA B 31 -28.88 -22.68 23.36
C ALA B 31 -27.51 -23.12 23.88
N PHE B 32 -26.50 -23.09 23.02
CA PHE B 32 -25.15 -23.46 23.46
C PHE B 32 -24.64 -22.49 24.51
N GLN B 33 -24.89 -21.18 24.33
CA GLN B 33 -24.51 -20.21 25.34
C GLN B 33 -25.29 -20.40 26.64
N GLN B 34 -26.58 -20.77 26.53
CA GLN B 34 -27.37 -20.99 27.73
C GLN B 34 -26.87 -22.19 28.53
N GLN B 35 -26.50 -23.28 27.83
CA GLN B 35 -26.10 -24.50 28.53
C GLN B 35 -24.65 -24.47 29.00
N TYR B 36 -23.76 -23.78 28.28
CA TYR B 36 -22.36 -23.69 28.64
C TYR B 36 -21.98 -22.22 28.81
N GLU B 37 -21.40 -21.89 29.95
CA GLU B 37 -21.07 -20.51 30.28
C GLU B 37 -19.62 -20.21 29.93
N ARG B 38 -19.39 -18.98 29.48
CA ARG B 38 -18.04 -18.53 29.13
C ARG B 38 -17.36 -17.93 30.34
N ARG B 39 -16.24 -17.25 30.11
CA ARG B 39 -15.48 -16.55 31.15
C ARG B 39 -15.02 -17.51 32.25
N VAL B 64 16.83 -3.25 32.00
CA VAL B 64 17.72 -2.12 32.19
C VAL B 64 19.14 -2.47 31.75
N LEU B 65 19.41 -3.77 31.65
CA LEU B 65 20.71 -4.26 31.21
C LEU B 65 20.69 -4.80 29.79
N LYS B 66 19.50 -5.14 29.26
CA LYS B 66 19.38 -5.60 27.89
C LYS B 66 19.32 -4.47 26.87
N THR B 67 18.72 -3.34 27.23
CA THR B 67 18.64 -2.22 26.29
C THR B 67 20.04 -1.71 25.95
N LEU B 68 20.92 -1.59 26.94
CA LEU B 68 22.34 -1.37 26.71
C LEU B 68 23.05 -2.69 27.02
N LEU B 69 23.04 -3.58 26.03
CA LEU B 69 23.60 -4.91 26.22
C LEU B 69 25.12 -4.83 26.35
N PRO B 70 25.69 -5.13 27.51
CA PRO B 70 27.12 -4.89 27.72
C PRO B 70 27.97 -6.05 27.19
N VAL B 71 29.27 -5.79 27.11
CA VAL B 71 30.24 -6.87 26.99
C VAL B 71 30.35 -7.65 28.30
N LEU B 72 29.75 -7.12 29.38
CA LEU B 72 29.80 -7.77 30.68
C LEU B 72 29.08 -9.11 30.71
N ASP B 73 28.27 -9.41 29.69
CA ASP B 73 27.56 -10.68 29.68
C ASP B 73 28.46 -11.85 29.36
N TRP B 74 29.46 -11.67 28.50
CA TRP B 74 30.35 -12.77 28.12
C TRP B 74 31.82 -12.55 28.44
N LEU B 75 32.26 -11.30 28.68
CA LEU B 75 33.66 -11.08 29.01
C LEU B 75 34.09 -11.77 30.29
N PRO B 76 33.37 -11.64 31.43
CA PRO B 76 33.72 -12.47 32.59
C PRO B 76 33.58 -13.95 32.34
N LYS B 77 32.66 -14.36 31.46
CA LYS B 77 32.42 -15.76 31.13
C LYS B 77 33.33 -16.27 30.02
N TYR B 78 34.48 -15.64 29.80
CA TYR B 78 35.35 -16.02 28.69
C TYR B 78 36.03 -17.37 28.98
N ARG B 79 36.59 -17.95 27.92
CA ARG B 79 37.25 -19.25 27.94
C ARG B 79 38.67 -19.11 27.37
N ILE B 80 39.42 -18.15 27.91
CA ILE B 80 40.75 -17.77 27.44
C ILE B 80 41.70 -18.96 27.33
N LYS B 81 41.33 -20.08 27.97
CA LYS B 81 42.20 -21.25 27.97
C LYS B 81 42.47 -21.76 26.55
N GLU B 82 41.45 -21.76 25.69
CA GLU B 82 41.58 -22.30 24.34
C GLU B 82 41.07 -21.38 23.24
N TRP B 83 40.23 -20.39 23.54
CA TRP B 83 39.63 -19.57 22.50
C TRP B 83 40.55 -18.48 21.97
N LEU B 84 41.62 -18.16 22.70
CA LEU B 84 42.43 -16.98 22.36
C LEU B 84 43.16 -17.16 21.04
N LEU B 85 43.79 -18.32 20.83
CA LEU B 85 44.54 -18.55 19.60
C LEU B 85 43.63 -18.54 18.38
N SER B 86 42.46 -19.19 18.49
CA SER B 86 41.50 -19.18 17.40
C SER B 86 41.02 -17.77 17.11
N ASP B 87 40.74 -16.99 18.16
CA ASP B 87 40.34 -15.60 17.97
C ASP B 87 41.42 -14.80 17.26
N ILE B 88 42.68 -14.99 17.66
CA ILE B 88 43.78 -14.24 17.04
C ILE B 88 43.88 -14.59 15.55
N ILE B 89 43.85 -15.88 15.23
CA ILE B 89 44.01 -16.29 13.83
C ILE B 89 42.85 -15.79 12.99
N SER B 90 41.62 -15.97 13.49
CA SER B 90 40.45 -15.52 12.74
C SER B 90 40.46 -14.01 12.56
N GLY B 91 40.85 -13.27 13.60
CA GLY B 91 40.92 -11.82 13.49
C GLY B 91 41.95 -11.37 12.47
N VAL B 92 43.12 -12.00 12.47
CA VAL B 92 44.15 -11.64 11.49
C VAL B 92 43.63 -11.89 10.07
N SER B 93 43.03 -13.05 9.84
CA SER B 93 42.55 -13.39 8.51
C SER B 93 41.47 -12.43 8.05
N THR B 94 40.47 -12.18 8.91
CA THR B 94 39.38 -11.31 8.52
C THR B 94 39.81 -9.85 8.40
N GLY B 95 40.83 -9.42 9.15
CA GLY B 95 41.37 -8.09 8.95
C GLY B 95 42.09 -7.96 7.62
N LEU B 96 42.87 -8.98 7.26
CA LEU B 96 43.52 -8.97 5.94
C LEU B 96 42.50 -8.90 4.81
N VAL B 97 41.40 -9.64 4.95
CA VAL B 97 40.35 -9.56 3.92
C VAL B 97 39.63 -8.20 3.96
N GLY B 98 39.32 -7.70 5.15
CA GLY B 98 38.50 -6.51 5.26
C GLY B 98 39.22 -5.24 4.84
N THR B 99 40.55 -5.20 5.00
CA THR B 99 41.30 -4.06 4.50
C THR B 99 41.11 -3.91 3.00
N LEU B 100 41.33 -4.99 2.24
CA LEU B 100 41.15 -4.94 0.79
C LEU B 100 39.70 -4.68 0.42
N GLN B 101 38.76 -5.30 1.13
CA GLN B 101 37.35 -5.06 0.82
C GLN B 101 36.95 -3.59 1.06
N GLY B 102 37.42 -2.98 2.15
CA GLY B 102 37.11 -1.58 2.39
C GLY B 102 37.76 -0.67 1.36
N MET B 103 39.00 -0.97 0.96
CA MET B 103 39.63 -0.19 -0.09
C MET B 103 38.88 -0.30 -1.40
N ALA B 104 38.37 -1.50 -1.73
CA ALA B 104 37.66 -1.69 -2.99
C ALA B 104 36.29 -1.02 -2.97
N TYR B 105 35.55 -1.15 -1.87
CA TYR B 105 34.20 -0.62 -1.80
C TYR B 105 34.17 0.91 -1.70
N ALA B 106 35.31 1.55 -1.45
CA ALA B 106 35.34 3.01 -1.42
C ALA B 106 35.13 3.62 -2.81
N LEU B 107 35.28 2.84 -3.86
CA LEU B 107 35.07 3.32 -5.22
C LEU B 107 33.59 3.31 -5.62
N LEU B 108 32.79 2.42 -5.04
CA LEU B 108 31.36 2.42 -5.32
C LEU B 108 30.72 3.73 -4.88
N ALA B 109 31.10 4.22 -3.70
CA ALA B 109 30.76 5.58 -3.30
C ALA B 109 31.75 6.56 -3.93
N ALA B 110 31.28 7.79 -4.15
CA ALA B 110 32.11 8.82 -4.76
C ALA B 110 33.06 9.43 -3.72
N VAL B 111 33.85 8.55 -3.10
CA VAL B 111 34.77 8.93 -2.03
C VAL B 111 36.16 8.43 -2.39
N PRO B 112 37.21 9.21 -2.15
CA PRO B 112 38.57 8.73 -2.44
C PRO B 112 38.93 7.53 -1.58
N VAL B 113 39.80 6.68 -2.13
CA VAL B 113 40.24 5.48 -1.42
C VAL B 113 41.05 5.90 -0.19
N GLY B 114 40.68 5.35 0.96
CA GLY B 114 41.32 5.72 2.21
C GLY B 114 40.32 5.90 3.33
N TYR B 115 39.12 6.37 2.99
CA TYR B 115 38.03 6.43 3.95
C TYR B 115 37.37 5.09 4.17
N GLY B 116 37.52 4.15 3.24
CA GLY B 116 37.04 2.80 3.46
C GLY B 116 37.75 2.12 4.61
N LEU B 117 39.02 2.45 4.83
CA LEU B 117 39.72 1.93 6.00
C LEU B 117 39.08 2.42 7.29
N TYR B 118 38.72 3.71 7.34
CA TYR B 118 38.02 4.25 8.51
C TYR B 118 36.67 3.58 8.70
N SER B 119 35.94 3.35 7.59
CA SER B 119 34.64 2.69 7.66
C SER B 119 34.76 1.23 8.09
N ALA B 120 35.91 0.60 7.82
CA ALA B 120 36.14 -0.75 8.31
C ALA B 120 36.59 -0.76 9.77
N PHE B 121 37.23 0.32 10.22
CA PHE B 121 37.82 0.37 11.55
C PHE B 121 36.84 0.80 12.64
N PHE B 122 36.22 1.98 12.48
CA PHE B 122 35.42 2.53 13.58
C PHE B 122 34.19 1.69 13.92
N PRO B 123 33.37 1.26 12.95
CA PRO B 123 32.16 0.50 13.31
C PRO B 123 32.43 -0.78 14.09
N ILE B 124 33.53 -1.48 13.83
CA ILE B 124 33.85 -2.67 14.61
C ILE B 124 34.08 -2.31 16.07
N LEU B 125 34.84 -1.24 16.31
CA LEU B 125 35.11 -0.80 17.68
C LEU B 125 33.84 -0.42 18.40
N THR B 126 32.94 0.31 17.73
CA THR B 126 31.73 0.73 18.40
C THR B 126 30.62 -0.32 18.41
N TYR B 127 30.78 -1.42 17.66
CA TYR B 127 29.85 -2.53 17.70
C TYR B 127 30.27 -3.64 18.66
N PHE B 128 31.56 -3.65 19.05
CA PHE B 128 32.02 -4.67 20.00
C PHE B 128 31.24 -4.63 21.31
N ILE B 129 30.65 -3.48 21.65
CA ILE B 129 29.97 -3.32 22.94
C ILE B 129 28.52 -3.73 22.84
N PHE B 130 27.76 -3.08 21.96
CA PHE B 130 26.31 -3.26 21.90
C PHE B 130 25.87 -4.44 21.05
N GLY B 131 26.79 -5.18 20.46
CA GLY B 131 26.40 -6.24 19.54
C GLY B 131 25.91 -7.48 20.25
N THR B 132 24.89 -8.11 19.67
CA THR B 132 24.33 -9.36 20.15
C THR B 132 24.91 -10.58 19.46
N SER B 133 25.23 -10.46 18.16
CA SER B 133 25.75 -11.59 17.42
C SER B 133 27.15 -11.94 17.89
N ARG B 134 27.67 -13.04 17.35
CA ARG B 134 28.95 -13.57 17.81
C ARG B 134 29.88 -14.00 16.70
N HIS B 135 29.46 -13.89 15.43
CA HIS B 135 30.29 -14.38 14.34
C HIS B 135 30.31 -13.46 13.12
N ILE B 136 29.77 -12.25 13.20
CA ILE B 136 29.63 -11.39 12.03
C ILE B 136 30.77 -10.37 12.02
N SER B 137 31.01 -9.81 10.82
CA SER B 137 31.99 -8.75 10.61
C SER B 137 31.27 -7.52 10.08
N VAL B 138 31.79 -6.34 10.38
CA VAL B 138 31.13 -5.08 10.06
C VAL B 138 31.90 -4.37 8.96
N GLY B 139 31.21 -3.96 7.89
CA GLY B 139 31.83 -3.31 6.77
C GLY B 139 30.88 -2.79 5.72
N PRO B 140 31.42 -2.42 4.55
CA PRO B 140 30.61 -1.64 3.59
C PRO B 140 29.51 -2.42 2.88
N PHE B 141 29.78 -3.66 2.40
CA PHE B 141 28.82 -4.40 1.58
C PHE B 141 28.39 -3.58 0.37
N PRO B 142 29.17 -3.61 -0.72
CA PRO B 142 29.09 -2.58 -1.78
C PRO B 142 27.73 -2.12 -2.26
N VAL B 143 26.64 -2.86 -2.01
CA VAL B 143 25.32 -2.39 -2.45
C VAL B 143 24.95 -1.10 -1.72
N VAL B 144 25.11 -1.09 -0.40
CA VAL B 144 24.85 0.13 0.37
C VAL B 144 25.84 1.22 -0.04
N SER B 145 27.08 0.84 -0.34
CA SER B 145 28.06 1.81 -0.81
C SER B 145 27.62 2.45 -2.12
N LEU B 146 27.03 1.66 -3.03
CA LEU B 146 26.55 2.21 -4.29
C LEU B 146 25.36 3.13 -4.08
N MET B 147 24.47 2.78 -3.15
CA MET B 147 23.35 3.67 -2.85
C MET B 147 23.86 5.01 -2.29
N VAL B 148 24.82 4.94 -1.36
CA VAL B 148 25.39 6.15 -0.80
C VAL B 148 26.09 6.98 -1.87
N GLY B 149 26.83 6.31 -2.75
CA GLY B 149 27.52 7.02 -3.82
C GLY B 149 26.56 7.66 -4.81
N SER B 150 25.46 6.99 -5.12
CA SER B 150 24.44 7.57 -5.98
C SER B 150 23.87 8.84 -5.35
N VAL B 151 23.55 8.78 -4.05
CA VAL B 151 23.04 9.97 -3.37
C VAL B 151 24.06 11.10 -3.40
N VAL B 152 25.32 10.78 -3.09
CA VAL B 152 26.36 11.79 -3.02
C VAL B 152 26.60 12.43 -4.39
N LEU B 153 26.64 11.61 -5.44
CA LEU B 153 26.86 12.12 -6.79
C LEU B 153 25.68 12.98 -7.25
N SER B 154 24.45 12.51 -7.01
CA SER B 154 23.29 13.29 -7.43
C SER B 154 23.14 14.57 -6.63
N MET B 155 23.72 14.65 -5.42
CA MET B 155 23.62 15.84 -4.61
C MET B 155 24.80 16.78 -4.78
N ALA B 156 25.85 16.36 -5.48
CA ALA B 156 27.02 17.20 -5.70
C ALA B 156 27.79 16.75 -6.93
N PRO B 157 27.34 17.08 -8.14
CA PRO B 157 28.05 16.64 -9.33
C PRO B 157 29.21 17.55 -9.72
N ASP B 158 29.92 17.19 -10.79
CA ASP B 158 31.11 17.93 -11.18
C ASP B 158 30.76 19.32 -11.71
N GLU B 159 29.79 19.39 -12.62
CA GLU B 159 29.49 20.66 -13.28
C GLU B 159 28.86 21.67 -12.32
N HIS B 160 27.97 21.20 -11.44
CA HIS B 160 27.30 22.13 -10.53
C HIS B 160 28.25 22.64 -9.46
N PHE B 161 29.03 21.75 -8.85
CA PHE B 161 29.92 22.16 -7.76
C PHE B 161 31.08 23.00 -8.29
N ILE B 162 31.65 22.62 -9.42
CA ILE B 162 32.81 23.29 -9.99
C ILE B 162 32.44 23.80 -11.38
N ILE B 163 32.65 25.08 -11.62
CA ILE B 163 32.44 25.68 -12.94
C ILE B 163 33.76 25.91 -13.67
N SER B 164 34.88 25.47 -13.09
CA SER B 164 36.18 25.66 -13.70
C SER B 164 36.56 24.46 -14.56
N ILE B 176 39.24 22.87 -12.71
CA ILE B 176 38.55 21.97 -11.80
C ILE B 176 39.33 21.87 -10.48
N ASP B 177 38.61 21.80 -9.37
CA ASP B 177 39.20 21.73 -8.04
C ASP B 177 38.85 20.36 -7.44
N PHE B 178 39.81 19.43 -7.51
CA PHE B 178 39.57 18.08 -7.03
C PHE B 178 39.40 18.04 -5.51
N ALA B 179 40.19 18.84 -4.78
CA ALA B 179 40.17 18.79 -3.33
C ALA B 179 38.83 19.24 -2.76
N ALA B 180 38.28 20.34 -3.29
CA ALA B 180 36.98 20.82 -2.82
C ALA B 180 35.88 19.82 -3.13
N ARG B 181 35.91 19.22 -4.32
CA ARG B 181 34.94 18.21 -4.68
C ARG B 181 35.02 17.02 -3.73
N ASP B 182 36.23 16.55 -3.43
CA ASP B 182 36.40 15.43 -2.52
C ASP B 182 35.88 15.77 -1.13
N ALA B 183 36.17 16.98 -0.65
CA ALA B 183 35.68 17.40 0.66
C ALA B 183 34.15 17.43 0.69
N ALA B 184 33.53 17.94 -0.37
CA ALA B 184 32.07 17.97 -0.43
C ALA B 184 31.48 16.56 -0.43
N ARG B 185 32.08 15.65 -1.20
CA ARG B 185 31.60 14.26 -1.22
C ARG B 185 31.72 13.62 0.15
N VAL B 186 32.85 13.82 0.83
CA VAL B 186 33.04 13.25 2.16
C VAL B 186 32.03 13.82 3.14
N LEU B 187 31.78 15.13 3.07
CA LEU B 187 30.81 15.75 3.97
C LEU B 187 29.41 15.19 3.75
N ILE B 188 29.01 15.02 2.49
CA ILE B 188 27.68 14.49 2.21
C ILE B 188 27.58 13.04 2.68
N ALA B 189 28.64 12.25 2.48
CA ALA B 189 28.62 10.87 2.94
C ALA B 189 28.49 10.79 4.46
N SER B 190 29.23 11.64 5.18
CA SER B 190 29.15 11.65 6.64
C SER B 190 27.76 12.06 7.10
N THR B 191 27.18 13.08 6.46
CA THR B 191 25.84 13.53 6.85
C THR B 191 24.80 12.44 6.61
N LEU B 192 24.88 11.74 5.47
CA LEU B 192 23.95 10.66 5.19
C LEU B 192 24.13 9.52 6.19
N THR B 193 25.36 9.19 6.55
CA THR B 193 25.61 8.17 7.56
C THR B 193 25.00 8.55 8.90
N LEU B 194 25.16 9.81 9.31
CA LEU B 194 24.58 10.26 10.57
C LEU B 194 23.06 10.16 10.54
N LEU B 195 22.44 10.58 9.43
CA LEU B 195 20.99 10.49 9.33
C LEU B 195 20.51 9.04 9.39
N VAL B 196 21.21 8.14 8.70
CA VAL B 196 20.85 6.73 8.74
C VAL B 196 20.96 6.18 10.15
N GLY B 197 22.03 6.56 10.86
CA GLY B 197 22.18 6.11 12.24
C GLY B 197 21.08 6.63 13.15
N ILE B 198 20.69 7.89 12.98
CA ILE B 198 19.61 8.45 13.78
C ILE B 198 18.31 7.68 13.52
N ILE B 199 18.02 7.41 12.25
CA ILE B 199 16.80 6.68 11.91
C ILE B 199 16.82 5.29 12.51
N GLN B 200 17.96 4.60 12.42
CA GLN B 200 18.07 3.25 12.96
C GLN B 200 17.90 3.25 14.48
N LEU B 201 18.51 4.21 15.17
CA LEU B 201 18.36 4.29 16.62
C LEU B 201 16.91 4.57 17.00
N ILE B 202 16.24 5.45 16.25
CA ILE B 202 14.84 5.75 16.54
C ILE B 202 13.98 4.51 16.35
N PHE B 203 14.21 3.76 15.26
CA PHE B 203 13.45 2.54 15.05
C PHE B 203 13.74 1.49 16.11
N GLY B 204 14.97 1.46 16.63
CA GLY B 204 15.30 0.55 17.71
C GLY B 204 14.61 0.93 19.01
N GLY B 205 14.47 2.22 19.27
CA GLY B 205 13.78 2.66 20.47
C GLY B 205 12.30 2.31 20.47
N LEU B 206 11.66 2.29 19.30
CA LEU B 206 10.24 2.02 19.19
C LEU B 206 9.90 0.54 19.21
N GLN B 207 10.90 -0.34 19.31
CA GLN B 207 10.69 -1.78 19.41
C GLN B 207 9.98 -2.34 18.18
N ILE B 208 10.21 -1.76 17.01
CA ILE B 208 9.64 -2.28 15.77
C ILE B 208 10.75 -2.88 14.91
N GLY B 209 10.99 -4.18 15.09
CA GLY B 209 12.04 -4.86 14.35
C GLY B 209 11.50 -5.91 13.40
N PHE B 210 10.17 -6.04 13.35
CA PHE B 210 9.53 -7.02 12.50
C PHE B 210 9.24 -6.50 11.09
N ILE B 211 9.63 -5.26 10.79
CA ILE B 211 9.41 -4.71 9.46
C ILE B 211 10.17 -5.48 8.40
N VAL B 212 11.23 -6.18 8.78
CA VAL B 212 11.97 -7.01 7.84
C VAL B 212 11.11 -8.15 7.32
N ARG B 213 10.01 -8.46 8.01
CA ARG B 213 9.07 -9.45 7.48
C ARG B 213 8.45 -8.97 6.18
N TYR B 214 8.31 -7.65 6.01
CA TYR B 214 7.69 -7.10 4.82
C TYR B 214 8.57 -7.23 3.58
N LEU B 215 9.84 -7.60 3.74
CA LEU B 215 10.75 -7.79 2.61
C LEU B 215 10.59 -9.23 2.12
N ALA B 216 9.68 -9.44 1.18
CA ALA B 216 9.43 -10.77 0.64
C ALA B 216 10.63 -11.27 -0.16
N ASP B 217 10.75 -12.59 -0.24
CA ASP B 217 11.88 -13.20 -0.94
C ASP B 217 11.93 -12.86 -2.42
N PRO B 218 10.83 -12.95 -3.20
CA PRO B 218 10.94 -12.56 -4.62
C PRO B 218 11.40 -11.13 -4.85
N LEU B 219 10.92 -10.19 -4.03
CA LEU B 219 11.36 -8.81 -4.21
C LEU B 219 12.82 -8.65 -3.79
N VAL B 220 13.27 -9.41 -2.79
CA VAL B 220 14.69 -9.40 -2.43
C VAL B 220 15.53 -9.90 -3.61
N GLY B 221 15.10 -10.98 -4.26
CA GLY B 221 15.84 -11.50 -5.39
C GLY B 221 15.87 -10.52 -6.56
N GLY B 222 14.74 -9.91 -6.87
CA GLY B 222 14.71 -8.91 -7.94
C GLY B 222 15.58 -7.71 -7.64
N PHE B 223 15.51 -7.20 -6.40
CA PHE B 223 16.34 -6.08 -6.00
C PHE B 223 17.81 -6.45 -6.08
N THR B 224 18.17 -7.68 -5.67
CA THR B 224 19.55 -8.13 -5.75
C THR B 224 20.04 -8.17 -7.19
N THR B 225 19.22 -8.70 -8.10
CA THR B 225 19.61 -8.74 -9.51
C THR B 225 19.80 -7.33 -10.07
N ALA B 226 18.88 -6.42 -9.77
CA ALA B 226 18.99 -5.05 -10.27
C ALA B 226 20.21 -4.36 -9.70
N ALA B 227 20.48 -4.56 -8.41
CA ALA B 227 21.67 -3.96 -7.79
C ALA B 227 22.94 -4.53 -8.40
N ALA B 228 22.94 -5.82 -8.74
CA ALA B 228 24.09 -6.40 -9.42
C ALA B 228 24.29 -5.74 -10.78
N PHE B 229 23.21 -5.49 -11.52
CA PHE B 229 23.34 -4.80 -12.79
C PHE B 229 23.92 -3.39 -12.61
N GLN B 230 23.42 -2.65 -11.62
CA GLN B 230 23.94 -1.30 -11.38
C GLN B 230 25.41 -1.33 -11.02
N VAL B 231 25.81 -2.25 -10.13
CA VAL B 231 27.20 -2.37 -9.73
C VAL B 231 28.08 -2.72 -10.92
N LEU B 232 27.62 -3.65 -11.75
CA LEU B 232 28.39 -4.05 -12.93
C LEU B 232 28.58 -2.86 -13.87
N VAL B 233 27.52 -2.08 -14.10
CA VAL B 233 27.63 -0.94 -15.00
C VAL B 233 28.62 0.09 -14.44
N SER B 234 28.50 0.41 -13.16
CA SER B 234 29.39 1.41 -12.56
C SER B 234 30.84 0.95 -12.60
N GLN B 235 31.09 -0.32 -12.24
CA GLN B 235 32.47 -0.80 -12.22
C GLN B 235 33.02 -0.96 -13.63
N LEU B 236 32.18 -1.25 -14.61
CA LEU B 236 32.63 -1.26 -16.00
C LEU B 236 33.03 0.14 -16.45
N LYS B 237 32.25 1.14 -16.06
CA LYS B 237 32.64 2.53 -16.33
C LYS B 237 33.98 2.85 -15.71
N ILE B 238 34.21 2.38 -14.48
CA ILE B 238 35.49 2.63 -13.80
C ILE B 238 36.62 1.91 -14.53
N VAL B 239 36.39 0.65 -14.94
CA VAL B 239 37.44 -0.14 -15.59
C VAL B 239 37.84 0.47 -16.92
N LEU B 240 36.85 0.87 -17.73
CA LEU B 240 37.13 1.36 -19.07
C LEU B 240 37.90 2.68 -19.07
N ASN B 241 37.94 3.39 -17.93
CA ASN B 241 38.64 4.66 -17.81
C ASN B 241 38.12 5.69 -18.81
N VAL B 242 36.80 5.69 -18.99
CA VAL B 242 36.12 6.62 -19.88
C VAL B 242 35.34 7.62 -19.04
N SER B 243 35.42 8.89 -19.41
CA SER B 243 34.76 9.96 -18.67
C SER B 243 33.32 10.10 -19.17
N THR B 244 32.37 9.76 -18.32
CA THR B 244 30.95 9.84 -18.64
C THR B 244 30.26 10.69 -17.59
N LYS B 245 29.56 11.73 -18.04
CA LYS B 245 28.83 12.60 -17.12
C LYS B 245 27.68 11.85 -16.47
N ASN B 246 27.43 12.13 -15.20
CA ASN B 246 26.40 11.41 -14.47
C ASN B 246 25.00 11.82 -14.92
N TYR B 247 24.06 10.89 -14.81
CA TYR B 247 22.66 11.14 -15.10
C TYR B 247 21.83 10.89 -13.85
N ASN B 248 20.94 11.83 -13.54
CA ASN B 248 20.12 11.77 -12.34
C ASN B 248 18.65 11.65 -12.73
N GLY B 249 17.96 10.68 -12.13
CA GLY B 249 16.55 10.48 -12.41
C GLY B 249 16.24 9.07 -12.87
N ILE B 250 15.25 8.94 -13.73
CA ILE B 250 14.87 7.64 -14.28
C ILE B 250 15.68 7.38 -15.54
N LEU B 251 15.83 6.09 -15.87
CA LEU B 251 16.55 5.64 -17.06
C LEU B 251 18.00 6.11 -17.05
N SER B 252 18.57 6.31 -15.86
CA SER B 252 19.95 6.75 -15.77
C SER B 252 20.93 5.70 -16.30
N ILE B 253 20.66 4.43 -16.00
CA ILE B 253 21.57 3.36 -16.39
C ILE B 253 21.62 3.23 -17.92
N ILE B 254 20.48 3.40 -18.58
CA ILE B 254 20.45 3.31 -20.04
C ILE B 254 21.28 4.43 -20.67
N TYR B 255 21.13 5.65 -20.16
CA TYR B 255 21.91 6.77 -20.67
C TYR B 255 23.40 6.56 -20.42
N THR B 256 23.75 6.07 -19.23
CA THR B 256 25.14 5.79 -18.92
C THR B 256 25.73 4.76 -19.87
N LEU B 257 25.00 3.68 -20.13
CA LEU B 257 25.48 2.66 -21.05
C LEU B 257 25.61 3.20 -22.47
N ILE B 258 24.64 4.02 -22.90
CA ILE B 258 24.69 4.59 -24.24
C ILE B 258 25.92 5.48 -24.40
N GLU B 259 26.18 6.33 -23.41
CA GLU B 259 27.34 7.21 -23.51
C GLU B 259 28.65 6.45 -23.38
N ILE B 260 28.68 5.36 -22.60
CA ILE B 260 29.87 4.52 -22.54
C ILE B 260 30.15 3.89 -23.89
N PHE B 261 29.10 3.36 -24.54
CA PHE B 261 29.29 2.79 -25.87
C PHE B 261 29.68 3.86 -26.89
N GLN B 262 29.23 5.10 -26.70
CA GLN B 262 29.65 6.18 -27.58
C GLN B 262 31.11 6.54 -27.39
N ASN B 263 31.58 6.56 -26.14
CA ASN B 263 32.94 6.96 -25.81
C ASN B 263 33.92 5.79 -25.77
N ILE B 264 33.47 4.59 -26.15
CA ILE B 264 34.31 3.38 -26.18
C ILE B 264 35.61 3.60 -26.95
N GLY B 265 35.66 4.64 -27.79
CA GLY B 265 36.86 4.92 -28.55
C GLY B 265 38.00 5.53 -27.76
N ASN B 266 37.75 5.94 -26.52
CA ASN B 266 38.76 6.58 -25.68
C ASN B 266 39.26 5.69 -24.55
N THR B 267 38.99 4.39 -24.61
CA THR B 267 39.38 3.49 -23.53
C THR B 267 40.89 3.34 -23.46
N ASN B 268 41.38 3.08 -22.24
CA ASN B 268 42.80 2.82 -22.01
C ASN B 268 43.07 1.34 -22.14
N LEU B 269 44.16 0.99 -22.84
CA LEU B 269 44.43 -0.41 -23.11
C LEU B 269 44.94 -1.14 -21.87
N ALA B 270 45.84 -0.51 -21.12
CA ALA B 270 46.47 -1.18 -19.99
C ALA B 270 45.44 -1.51 -18.90
N ASP B 271 44.57 -0.55 -18.57
CA ASP B 271 43.57 -0.79 -17.54
C ASP B 271 42.59 -1.87 -17.96
N PHE B 272 42.15 -1.84 -19.22
CA PHE B 272 41.24 -2.88 -19.71
C PHE B 272 41.88 -4.25 -19.67
N ILE B 273 43.15 -4.35 -20.08
CA ILE B 273 43.85 -5.64 -20.07
C ILE B 273 44.00 -6.14 -18.63
N ALA B 274 44.37 -5.25 -17.71
CA ALA B 274 44.52 -5.66 -16.31
C ALA B 274 43.21 -6.14 -15.73
N GLY B 275 42.12 -5.40 -16.00
CA GLY B 275 40.82 -5.81 -15.49
C GLY B 275 40.37 -7.14 -16.06
N LEU B 276 40.54 -7.34 -17.36
CA LEU B 276 40.15 -8.60 -17.98
C LEU B 276 40.95 -9.76 -17.42
N LEU B 277 42.28 -9.58 -17.27
CA LEU B 277 43.11 -10.65 -16.73
C LEU B 277 42.71 -10.98 -15.29
N THR B 278 42.48 -9.94 -14.47
CA THR B 278 42.09 -10.18 -13.09
C THR B 278 40.76 -10.91 -13.01
N ILE B 279 39.77 -10.50 -13.83
CA ILE B 279 38.47 -11.15 -13.81
C ILE B 279 38.60 -12.61 -14.21
N ILE B 280 39.35 -12.88 -15.29
CA ILE B 280 39.48 -14.25 -15.78
C ILE B 280 40.17 -15.12 -14.74
N ILE B 281 41.26 -14.62 -14.16
CA ILE B 281 42.00 -15.41 -13.18
C ILE B 281 41.15 -15.69 -11.95
N CYS B 282 40.47 -14.68 -11.44
CA CYS B 282 39.64 -14.87 -10.24
C CYS B 282 38.51 -15.85 -10.52
N MET B 283 37.84 -15.71 -11.67
CA MET B 283 36.76 -16.63 -12.00
C MET B 283 37.25 -18.06 -12.15
N ALA B 284 38.40 -18.26 -12.79
CA ALA B 284 38.94 -19.60 -12.95
C ALA B 284 39.28 -20.23 -11.61
N VAL B 285 39.99 -19.47 -10.75
CA VAL B 285 40.38 -20.03 -9.46
C VAL B 285 39.14 -20.32 -8.62
N LYS B 286 38.13 -19.45 -8.66
CA LYS B 286 36.91 -19.70 -7.92
C LYS B 286 36.18 -20.94 -8.44
N GLU B 287 36.17 -21.14 -9.77
CA GLU B 287 35.52 -22.31 -10.33
C GLU B 287 36.22 -23.60 -9.90
N LEU B 288 37.55 -23.63 -9.96
CA LEU B 288 38.26 -24.83 -9.51
C LEU B 288 38.11 -25.04 -8.01
N ASN B 289 38.02 -23.96 -7.23
CA ASN B 289 37.78 -24.11 -5.80
C ASN B 289 36.39 -24.68 -5.54
N ASP B 290 35.39 -24.24 -6.28
CA ASP B 290 34.03 -24.75 -6.08
C ASP B 290 33.92 -26.20 -6.52
N ARG B 291 34.51 -26.56 -7.65
CA ARG B 291 34.41 -27.94 -8.13
C ARG B 291 35.22 -28.89 -7.25
N PHE B 292 36.43 -28.48 -6.87
CA PHE B 292 37.28 -29.27 -5.96
C PHE B 292 37.13 -28.67 -4.57
N LYS B 293 36.19 -29.22 -3.80
CA LYS B 293 35.79 -28.62 -2.53
C LYS B 293 35.99 -29.50 -1.31
N HIS B 294 36.24 -30.80 -1.48
CA HIS B 294 36.35 -31.68 -0.32
C HIS B 294 37.55 -31.32 0.54
N LYS B 295 38.62 -30.84 -0.07
CA LYS B 295 39.81 -30.43 0.66
C LYS B 295 39.88 -28.91 0.76
N ILE B 296 40.77 -28.43 1.62
CA ILE B 296 41.02 -27.01 1.84
C ILE B 296 39.73 -26.31 2.24
N PRO B 297 39.22 -26.53 3.47
CA PRO B 297 37.99 -25.86 3.87
C PRO B 297 38.07 -24.34 3.83
N VAL B 298 39.22 -23.77 4.13
CA VAL B 298 39.39 -22.31 4.05
C VAL B 298 39.40 -21.90 2.58
N PRO B 299 38.72 -20.82 2.20
CA PRO B 299 38.79 -20.37 0.80
C PRO B 299 40.20 -19.93 0.42
N ILE B 300 40.55 -20.18 -0.83
CA ILE B 300 41.87 -19.80 -1.33
C ILE B 300 41.89 -18.29 -1.55
N PRO B 301 42.84 -17.57 -0.95
CA PRO B 301 42.88 -16.10 -1.10
C PRO B 301 43.51 -15.67 -2.41
N ILE B 302 42.84 -15.99 -3.52
CA ILE B 302 43.34 -15.62 -4.83
C ILE B 302 43.34 -14.12 -5.02
N GLU B 303 42.35 -13.43 -4.44
CA GLU B 303 42.22 -11.99 -4.63
C GLU B 303 43.41 -11.25 -4.03
N VAL B 304 43.85 -11.65 -2.84
CA VAL B 304 44.97 -10.99 -2.19
C VAL B 304 46.25 -11.18 -3.00
N ILE B 305 46.47 -12.40 -3.49
CA ILE B 305 47.65 -12.68 -4.30
C ILE B 305 47.62 -11.86 -5.59
N VAL B 306 46.45 -11.78 -6.23
CA VAL B 306 46.30 -11.00 -7.44
C VAL B 306 46.63 -9.54 -7.18
N THR B 307 46.11 -8.99 -6.08
CA THR B 307 46.37 -7.60 -5.74
C THR B 307 47.86 -7.35 -5.48
N ILE B 308 48.51 -8.26 -4.75
CA ILE B 308 49.93 -8.09 -4.44
C ILE B 308 50.76 -8.13 -5.72
N ILE B 309 50.49 -9.09 -6.59
CA ILE B 309 51.25 -9.19 -7.84
C ILE B 309 51.01 -7.97 -8.71
N ALA B 310 49.76 -7.51 -8.80
CA ALA B 310 49.45 -6.36 -9.63
C ALA B 310 50.17 -5.11 -9.13
N THR B 311 50.12 -4.86 -7.82
CA THR B 311 50.79 -3.67 -7.30
C THR B 311 52.30 -3.78 -7.39
N ALA B 312 52.85 -4.99 -7.23
CA ALA B 312 54.30 -5.17 -7.39
C ALA B 312 54.74 -4.85 -8.81
N ILE B 313 54.02 -5.37 -9.80
CA ILE B 313 54.38 -5.07 -11.20
C ILE B 313 54.19 -3.58 -11.50
N SER B 314 53.10 -2.99 -10.99
CA SER B 314 52.84 -1.58 -11.25
C SER B 314 53.95 -0.71 -10.68
N TYR B 315 54.43 -1.03 -9.48
CA TYR B 315 55.54 -0.27 -8.91
C TYR B 315 56.84 -0.56 -9.67
N ALA B 316 57.01 -1.80 -10.16
CA ALA B 316 58.24 -2.16 -10.83
C ALA B 316 58.42 -1.43 -12.15
N VAL B 317 57.39 -1.43 -13.01
CA VAL B 317 57.52 -0.89 -14.35
C VAL B 317 56.78 0.44 -14.52
N ASN B 318 56.17 0.97 -13.47
CA ASN B 318 55.70 2.36 -13.41
C ASN B 318 54.70 2.66 -14.54
N LEU B 319 53.54 2.01 -14.44
CA LEU B 319 52.47 2.26 -15.41
C LEU B 319 51.95 3.69 -15.35
N GLU B 320 52.15 4.39 -14.24
CA GLU B 320 51.51 5.69 -14.06
C GLU B 320 52.02 6.72 -15.06
N LYS B 321 53.33 6.78 -15.28
CA LYS B 321 53.91 7.80 -16.14
C LYS B 321 54.20 7.32 -17.55
N ASN B 322 54.25 6.00 -17.78
CA ASN B 322 54.55 5.47 -19.10
C ASN B 322 53.31 5.13 -19.91
N TYR B 323 52.17 4.91 -19.24
CA TYR B 323 50.93 4.56 -19.94
C TYR B 323 49.73 5.37 -19.43
N ASN B 324 49.96 6.34 -18.54
CA ASN B 324 48.88 7.16 -17.98
C ASN B 324 47.81 6.29 -17.33
N ALA B 325 48.26 5.27 -16.60
CA ALA B 325 47.33 4.36 -15.94
C ALA B 325 46.65 5.04 -14.75
N GLY B 326 45.48 4.52 -14.38
CA GLY B 326 44.73 5.07 -13.28
C GLY B 326 45.01 4.37 -11.96
N ILE B 327 45.84 4.97 -11.12
CA ILE B 327 46.19 4.43 -9.82
C ILE B 327 45.49 5.25 -8.73
N VAL B 328 45.54 4.74 -7.50
CA VAL B 328 44.91 5.44 -6.38
C VAL B 328 45.64 6.75 -6.09
N LYS B 329 46.97 6.73 -6.16
CA LYS B 329 47.80 7.94 -6.20
C LYS B 329 47.82 8.67 -4.85
N SER B 330 46.99 8.26 -3.90
CA SER B 330 46.92 8.96 -2.63
C SER B 330 46.22 8.15 -1.54
N ILE B 331 46.90 7.96 -0.41
CA ILE B 331 46.31 7.35 0.77
C ILE B 331 46.74 8.17 1.98
N PRO B 332 45.82 8.74 2.75
CA PRO B 332 46.23 9.54 3.91
C PRO B 332 46.85 8.68 5.00
N ARG B 333 47.74 9.31 5.76
CA ARG B 333 48.41 8.66 6.89
C ARG B 333 47.94 9.29 8.19
N GLY B 334 47.73 8.46 9.20
CA GLY B 334 47.24 8.93 10.48
C GLY B 334 45.73 9.01 10.53
N PHE B 335 45.25 9.60 11.62
CA PHE B 335 43.82 9.73 11.89
C PHE B 335 43.42 11.20 11.84
N LEU B 336 42.29 11.48 11.18
CA LEU B 336 41.79 12.83 11.07
C LEU B 336 40.91 13.18 12.27
N PRO B 337 40.86 14.47 12.64
CA PRO B 337 39.99 14.86 13.76
C PRO B 337 38.53 14.80 13.34
N PRO B 338 37.62 14.59 14.29
CA PRO B 338 36.19 14.54 13.95
C PRO B 338 35.66 15.91 13.55
N GLU B 339 34.64 15.90 12.69
CA GLU B 339 33.96 17.12 12.24
C GLU B 339 32.46 16.90 12.26
N ILE B 340 31.74 17.86 12.82
CA ILE B 340 30.28 17.77 12.92
C ILE B 340 29.66 18.01 11.54
N PRO B 341 28.87 17.08 11.02
CA PRO B 341 28.25 17.29 9.72
C PRO B 341 27.18 18.36 9.79
N PRO B 342 26.92 19.08 8.69
CA PRO B 342 25.81 20.06 8.68
C PRO B 342 24.47 19.35 8.61
N ILE B 343 23.60 19.65 9.58
CA ILE B 343 22.31 18.98 9.65
C ILE B 343 21.27 19.59 8.71
N SER B 344 21.53 20.78 8.17
CA SER B 344 20.57 21.45 7.30
C SER B 344 20.25 20.64 6.05
N LEU B 345 21.15 19.74 5.64
CA LEU B 345 20.93 18.90 4.47
C LEU B 345 19.95 17.77 4.73
N PHE B 346 19.57 17.53 5.99
CA PHE B 346 18.69 16.41 6.33
C PHE B 346 17.40 16.43 5.54
N SER B 347 16.93 17.62 5.15
CA SER B 347 15.67 17.72 4.43
C SER B 347 15.71 17.11 3.05
N GLU B 348 16.90 16.83 2.50
CA GLU B 348 17.02 16.33 1.14
C GLU B 348 17.54 14.89 1.08
N MET B 349 17.52 14.17 2.20
CA MET B 349 18.07 12.82 2.23
C MET B 349 17.20 11.86 3.05
N LEU B 350 15.88 12.05 3.04
CA LEU B 350 15.00 11.22 3.85
C LEU B 350 14.66 9.90 3.15
N THR B 351 14.13 9.98 1.94
CA THR B 351 13.67 8.79 1.22
C THR B 351 14.82 7.87 0.84
N ALA B 352 16.06 8.35 0.89
CA ALA B 352 17.22 7.50 0.64
C ALA B 352 17.76 6.89 1.92
N SER B 353 17.83 7.69 2.99
CA SER B 353 18.33 7.18 4.26
C SER B 353 17.40 6.10 4.83
N PHE B 354 16.09 6.28 4.66
CA PHE B 354 15.15 5.26 5.12
C PHE B 354 15.44 3.90 4.49
N SER B 355 15.56 3.88 3.15
CA SER B 355 15.81 2.63 2.45
C SER B 355 17.18 2.06 2.79
N ILE B 356 18.20 2.92 2.90
CA ILE B 356 19.54 2.44 3.24
C ILE B 356 19.53 1.78 4.61
N ALA B 357 18.90 2.42 5.60
CA ALA B 357 18.83 1.84 6.93
C ALA B 357 18.09 0.50 6.91
N VAL B 358 16.96 0.44 6.21
CA VAL B 358 16.17 -0.79 6.16
C VAL B 358 16.99 -1.92 5.54
N VAL B 359 17.66 -1.63 4.41
CA VAL B 359 18.41 -2.66 3.70
C VAL B 359 19.57 -3.16 4.56
N ALA B 360 20.32 -2.23 5.16
CA ALA B 360 21.46 -2.62 5.98
C ALA B 360 21.02 -3.48 7.16
N TYR B 361 19.95 -3.07 7.84
CA TYR B 361 19.45 -3.85 8.96
C TYR B 361 19.00 -5.24 8.52
N ALA B 362 18.31 -5.32 7.38
CA ALA B 362 17.83 -6.61 6.90
C ALA B 362 18.98 -7.55 6.59
N ILE B 363 20.01 -7.05 5.92
CA ILE B 363 21.17 -7.89 5.61
C ILE B 363 21.84 -8.37 6.89
N ALA B 364 22.04 -7.45 7.85
CA ALA B 364 22.71 -7.80 9.09
C ALA B 364 21.93 -8.88 9.84
N VAL B 365 20.62 -8.70 9.99
CA VAL B 365 19.84 -9.69 10.74
C VAL B 365 19.75 -11.01 10.00
N SER B 366 19.70 -10.98 8.66
CA SER B 366 19.67 -12.23 7.92
C SER B 366 20.92 -13.04 8.17
N VAL B 367 22.10 -12.42 8.04
CA VAL B 367 23.33 -13.17 8.25
C VAL B 367 23.46 -13.61 9.71
N GLY B 368 23.06 -12.74 10.64
CA GLY B 368 23.12 -13.10 12.05
C GLY B 368 22.26 -14.30 12.38
N LYS B 369 21.04 -14.33 11.86
CA LYS B 369 20.15 -15.47 12.10
C LYS B 369 20.70 -16.73 11.44
N VAL B 370 21.23 -16.62 10.23
CA VAL B 370 21.77 -17.80 9.56
C VAL B 370 22.90 -18.42 10.37
N TYR B 371 23.77 -17.58 10.96
CA TYR B 371 24.84 -18.15 11.77
C TYR B 371 24.37 -18.60 13.15
N ALA B 372 23.37 -17.90 13.72
CA ALA B 372 22.91 -18.24 15.06
C ALA B 372 22.16 -19.57 15.07
N ILE B 373 21.39 -19.85 14.03
CA ILE B 373 20.70 -21.15 13.97
C ILE B 373 21.72 -22.28 13.84
N LYS B 374 22.87 -22.02 13.23
CA LYS B 374 23.92 -23.03 13.14
C LYS B 374 24.60 -23.23 14.50
N TYR B 375 24.94 -22.14 15.18
CA TYR B 375 25.67 -22.25 16.44
C TYR B 375 24.75 -22.25 17.67
N ASP B 376 23.44 -22.40 17.48
CA ASP B 376 22.48 -22.64 18.56
C ASP B 376 22.51 -21.51 19.59
N TYR B 377 22.16 -20.31 19.13
CA TYR B 377 21.87 -19.19 20.01
C TYR B 377 20.92 -18.25 19.27
N THR B 378 20.55 -17.16 19.94
CA THR B 378 19.59 -16.21 19.41
C THR B 378 20.14 -14.78 19.50
N ILE B 379 19.66 -13.94 18.60
CA ILE B 379 20.03 -12.53 18.56
C ILE B 379 18.76 -11.69 18.72
N ASP B 380 18.94 -10.49 19.26
CA ASP B 380 17.83 -9.57 19.53
C ASP B 380 17.77 -8.56 18.40
N GLY B 381 16.62 -8.51 17.71
CA GLY B 381 16.49 -7.61 16.57
C GLY B 381 16.53 -6.15 16.95
N ASN B 382 15.83 -5.79 18.02
CA ASN B 382 15.82 -4.39 18.47
C ASN B 382 17.19 -3.96 18.97
N GLN B 383 17.90 -4.87 19.64
CA GLN B 383 19.27 -4.56 20.04
C GLN B 383 20.18 -4.44 18.83
N GLU B 384 19.92 -5.19 17.76
CA GLU B 384 20.65 -5.00 16.52
C GLU B 384 20.40 -3.61 15.96
N PHE B 385 19.13 -3.18 15.94
CA PHE B 385 18.81 -1.80 15.56
C PHE B 385 19.63 -0.80 16.37
N ILE B 386 19.62 -0.94 17.70
CA ILE B 386 20.28 0.02 18.56
C ILE B 386 21.78 0.04 18.29
N ALA B 387 22.39 -1.15 18.23
CA ALA B 387 23.83 -1.25 18.03
C ALA B 387 24.24 -0.65 16.69
N PHE B 388 23.51 -0.97 15.62
CA PHE B 388 23.89 -0.47 14.31
C PHE B 388 23.62 1.02 14.18
N GLY B 389 22.57 1.54 14.83
CA GLY B 389 22.35 2.98 14.82
C GLY B 389 23.45 3.74 15.54
N ILE B 390 23.85 3.24 16.71
CA ILE B 390 24.95 3.87 17.44
C ILE B 390 26.24 3.79 16.63
N SER B 391 26.48 2.64 15.99
CA SER B 391 27.67 2.48 15.17
C SER B 391 27.68 3.45 13.99
N ASN B 392 26.53 3.62 13.33
CA ASN B 392 26.45 4.53 12.21
C ASN B 392 26.65 5.98 12.65
N ILE B 393 26.10 6.35 13.81
CA ILE B 393 26.31 7.70 14.32
C ILE B 393 27.79 7.93 14.61
N PHE B 394 28.42 6.98 15.30
CA PHE B 394 29.84 7.13 15.67
C PHE B 394 30.72 7.20 14.43
N SER B 395 30.44 6.36 13.42
CA SER B 395 31.22 6.40 12.19
C SER B 395 30.97 7.67 11.39
N GLY B 396 29.72 8.16 11.35
CA GLY B 396 29.42 9.38 10.64
C GLY B 396 30.09 10.60 11.26
N PHE B 397 30.28 10.58 12.59
CA PHE B 397 31.07 11.65 13.19
C PHE B 397 32.54 11.57 12.82
N PHE B 398 32.99 10.46 12.21
CA PHE B 398 34.40 10.25 11.89
C PHE B 398 34.62 10.03 10.39
N SER B 399 33.76 10.62 9.55
CA SER B 399 33.92 10.61 8.10
C SER B 399 33.93 9.18 7.55
N CYS B 400 32.81 8.49 7.74
CA CYS B 400 32.65 7.12 7.25
C CYS B 400 31.25 6.96 6.68
N PHE B 401 31.08 5.93 5.84
CA PHE B 401 29.78 5.61 5.27
C PHE B 401 29.20 4.37 5.97
N VAL B 402 28.00 3.99 5.54
CA VAL B 402 27.21 3.01 6.27
C VAL B 402 27.92 1.66 6.30
N ALA B 403 27.85 0.98 7.45
CA ALA B 403 28.51 -0.29 7.67
C ALA B 403 27.49 -1.39 7.96
N THR B 404 27.73 -2.57 7.39
CA THR B 404 26.90 -3.74 7.62
C THR B 404 27.72 -5.02 7.52
N THR B 405 27.08 -6.17 7.33
CA THR B 405 27.63 -7.46 7.75
C THR B 405 28.53 -8.16 6.74
N ALA B 406 28.29 -8.03 5.43
CA ALA B 406 29.19 -8.62 4.43
C ALA B 406 29.35 -10.13 4.60
N LEU B 407 28.29 -10.89 4.29
CA LEU B 407 28.26 -12.34 4.50
C LEU B 407 29.55 -13.03 4.04
N SER B 408 30.15 -12.55 2.95
CA SER B 408 31.39 -13.17 2.46
C SER B 408 32.50 -13.06 3.50
N ARG B 409 32.75 -11.84 4.00
CA ARG B 409 33.79 -11.67 5.02
C ARG B 409 33.39 -12.36 6.31
N THR B 410 32.09 -12.43 6.60
CA THR B 410 31.63 -13.16 7.77
C THR B 410 32.00 -14.64 7.68
N ALA B 411 31.79 -15.24 6.50
CA ALA B 411 32.16 -16.63 6.30
C ALA B 411 33.68 -16.81 6.39
N VAL B 412 34.44 -15.85 5.85
CA VAL B 412 35.89 -15.92 5.95
C VAL B 412 36.32 -15.90 7.42
N GLN B 413 35.71 -15.03 8.22
CA GLN B 413 36.03 -14.96 9.64
C GLN B 413 35.67 -16.26 10.37
N GLU B 414 34.47 -16.80 10.09
CA GLU B 414 34.00 -17.94 10.87
C GLU B 414 34.71 -19.23 10.48
N SER B 415 34.99 -19.43 9.20
CA SER B 415 35.60 -20.68 8.75
C SER B 415 37.02 -20.86 9.29
N THR B 416 37.65 -19.79 9.76
CA THR B 416 39.01 -19.84 10.29
C THR B 416 38.99 -19.87 11.82
N GLY B 417 38.02 -20.58 12.39
CA GLY B 417 37.94 -20.70 13.83
C GLY B 417 37.07 -19.63 14.47
N GLY B 418 35.82 -19.52 14.02
CA GLY B 418 34.89 -18.53 14.54
C GLY B 418 34.62 -18.66 16.02
N LYS B 419 34.76 -17.55 16.73
CA LYS B 419 34.56 -17.48 18.18
C LYS B 419 34.01 -16.09 18.51
N THR B 420 34.11 -15.70 19.78
CA THR B 420 33.58 -14.43 20.23
C THR B 420 34.21 -13.26 19.48
N GLN B 421 33.64 -12.07 19.71
CA GLN B 421 33.95 -10.84 18.99
C GLN B 421 35.36 -10.32 19.23
N ILE B 422 36.24 -11.04 19.95
CA ILE B 422 37.63 -10.61 20.08
C ILE B 422 38.30 -10.60 18.72
N ALA B 423 37.89 -11.51 17.82
CA ALA B 423 38.41 -11.52 16.47
C ALA B 423 38.12 -10.20 15.75
N GLY B 424 36.97 -9.58 16.04
CA GLY B 424 36.70 -8.27 15.48
C GLY B 424 37.69 -7.22 15.95
N ILE B 425 38.04 -7.25 17.23
CA ILE B 425 39.03 -6.31 17.76
C ILE B 425 40.39 -6.55 17.11
N ILE B 426 40.76 -7.82 16.91
CA ILE B 426 42.03 -8.12 16.26
C ILE B 426 42.03 -7.63 14.81
N SER B 427 40.89 -7.80 14.12
CA SER B 427 40.78 -7.29 12.76
C SER B 427 40.90 -5.77 12.73
N ALA B 428 40.28 -5.09 13.69
CA ALA B 428 40.42 -3.64 13.76
C ALA B 428 41.86 -3.23 14.02
N ALA B 429 42.58 -3.99 14.85
CA ALA B 429 43.99 -3.73 15.06
C ALA B 429 44.79 -3.90 13.78
N VAL B 430 44.50 -4.94 13.01
CA VAL B 430 45.19 -5.14 11.74
C VAL B 430 44.89 -3.98 10.79
N VAL B 431 43.63 -3.53 10.76
CA VAL B 431 43.25 -2.42 9.89
C VAL B 431 43.98 -1.14 10.28
N MET B 432 44.09 -0.86 11.57
CA MET B 432 44.79 0.35 11.98
C MET B 432 46.30 0.25 11.75
N ILE B 433 46.87 -0.95 11.87
CA ILE B 433 48.27 -1.12 11.50
C ILE B 433 48.47 -0.85 10.02
N ALA B 434 47.55 -1.33 9.19
CA ALA B 434 47.62 -1.03 7.76
C ALA B 434 47.47 0.47 7.49
N ILE B 435 46.60 1.13 8.26
CA ILE B 435 46.38 2.57 8.08
C ILE B 435 47.65 3.35 8.41
N VAL B 436 48.27 3.04 9.55
CA VAL B 436 49.37 3.86 10.06
C VAL B 436 50.62 3.70 9.18
N ALA B 437 50.95 2.47 8.80
CA ALA B 437 52.23 2.18 8.16
C ALA B 437 52.10 1.77 6.71
N LEU B 438 51.24 0.81 6.39
CA LEU B 438 51.19 0.21 5.06
C LEU B 438 50.44 1.06 4.04
N GLY B 439 50.21 2.35 4.32
CA GLY B 439 49.52 3.19 3.36
C GLY B 439 50.32 3.45 2.10
N LYS B 440 51.65 3.58 2.23
CA LYS B 440 52.47 3.92 1.07
C LYS B 440 52.64 2.74 0.12
N LEU B 441 52.58 1.51 0.64
CA LEU B 441 52.85 0.35 -0.21
C LEU B 441 51.75 0.09 -1.22
N LEU B 442 50.55 0.62 -1.00
CA LEU B 442 49.43 0.40 -1.89
C LEU B 442 49.23 1.54 -2.89
N GLU B 443 50.15 2.51 -2.92
CA GLU B 443 50.01 3.63 -3.85
C GLU B 443 50.00 3.21 -5.32
N PRO B 444 50.91 2.36 -5.82
CA PRO B 444 50.92 2.06 -7.25
C PRO B 444 49.79 1.15 -7.73
N LEU B 445 48.94 0.65 -6.84
CA LEU B 445 47.88 -0.27 -7.25
C LEU B 445 46.83 0.47 -8.08
N GLN B 446 46.38 -0.20 -9.14
CA GLN B 446 45.36 0.35 -10.02
C GLN B 446 43.97 0.15 -9.45
N LYS B 447 43.07 1.09 -9.74
CA LYS B 447 41.68 0.96 -9.35
C LYS B 447 40.93 -0.03 -10.23
N SER B 448 41.43 -0.27 -11.45
CA SER B 448 40.79 -1.24 -12.33
C SER B 448 40.86 -2.64 -11.76
N VAL B 449 41.92 -2.96 -11.00
CA VAL B 449 42.03 -4.26 -10.35
C VAL B 449 40.92 -4.43 -9.32
N LEU B 450 40.71 -3.40 -8.49
CA LEU B 450 39.65 -3.47 -7.48
C LEU B 450 38.28 -3.59 -8.14
N ALA B 451 38.04 -2.82 -9.20
CA ALA B 451 36.77 -2.91 -9.91
C ALA B 451 36.60 -4.29 -10.54
N ALA B 452 37.69 -4.88 -11.04
CA ALA B 452 37.62 -6.22 -11.61
C ALA B 452 37.26 -7.26 -10.56
N VAL B 453 37.83 -7.15 -9.35
CA VAL B 453 37.45 -8.06 -8.27
C VAL B 453 35.97 -7.90 -7.93
N VAL B 454 35.51 -6.65 -7.81
CA VAL B 454 34.11 -6.41 -7.48
C VAL B 454 33.20 -7.03 -8.53
N ILE B 455 33.57 -6.89 -9.81
CA ILE B 455 32.78 -7.49 -10.88
C ILE B 455 32.83 -9.02 -10.80
N ALA B 456 34.01 -9.57 -10.50
CA ALA B 456 34.16 -11.02 -10.45
C ALA B 456 33.31 -11.63 -9.35
N ASN B 457 33.06 -10.89 -8.28
CA ASN B 457 32.26 -11.43 -7.18
C ASN B 457 30.76 -11.22 -7.36
N LEU B 458 30.27 -11.06 -8.58
CA LEU B 458 28.87 -10.70 -8.80
C LEU B 458 28.03 -11.82 -9.42
N LYS B 459 28.57 -13.03 -9.49
CA LYS B 459 27.86 -14.10 -10.23
C LYS B 459 26.63 -14.58 -9.47
N GLY B 460 26.76 -14.82 -8.16
CA GLY B 460 25.62 -15.30 -7.39
C GLY B 460 24.44 -14.35 -7.43
N MET B 461 24.72 -13.04 -7.45
CA MET B 461 23.67 -12.05 -7.61
C MET B 461 23.07 -12.11 -9.02
N PHE B 462 23.81 -12.62 -9.99
CA PHE B 462 23.29 -12.77 -11.34
C PHE B 462 22.55 -14.09 -11.55
N MET B 463 22.61 -15.00 -10.58
CA MET B 463 22.06 -16.35 -10.78
C MET B 463 20.66 -16.53 -10.18
N GLN B 464 19.77 -15.54 -10.24
CA GLN B 464 18.37 -15.74 -9.88
C GLN B 464 17.43 -15.78 -11.08
N VAL B 465 17.91 -15.41 -12.27
CA VAL B 465 17.10 -15.51 -13.48
C VAL B 465 16.76 -16.96 -13.77
N CYS B 466 17.56 -17.91 -13.28
CA CYS B 466 17.22 -19.32 -13.38
C CYS B 466 16.16 -19.73 -12.37
N ASP B 467 16.11 -19.05 -11.22
CA ASP B 467 15.07 -19.32 -10.24
C ASP B 467 13.72 -18.73 -10.64
N VAL B 468 13.72 -17.68 -11.46
CA VAL B 468 12.46 -17.04 -11.86
C VAL B 468 11.49 -18.00 -12.54
N PRO B 469 11.88 -18.82 -13.53
CA PRO B 469 10.88 -19.66 -14.21
C PRO B 469 10.17 -20.65 -13.31
N ARG B 470 10.89 -21.31 -12.40
CA ARG B 470 10.24 -22.24 -11.48
C ARG B 470 9.29 -21.50 -10.55
N LEU B 471 9.69 -20.30 -10.11
CA LEU B 471 8.81 -19.48 -9.29
C LEU B 471 7.51 -19.16 -10.02
N TRP B 472 7.60 -18.83 -11.31
CA TRP B 472 6.40 -18.60 -12.11
C TRP B 472 5.57 -19.86 -12.21
N ARG B 473 6.23 -21.02 -12.39
CA ARG B 473 5.52 -22.27 -12.51
C ARG B 473 4.76 -22.63 -11.24
N GLN B 474 5.31 -22.27 -10.08
CA GLN B 474 4.69 -22.64 -8.80
C GLN B 474 3.60 -21.67 -8.38
N ASN B 475 3.90 -20.38 -8.33
CA ASN B 475 2.93 -19.36 -7.93
C ASN B 475 3.15 -18.11 -8.76
N LYS B 476 2.12 -17.71 -9.51
CA LYS B 476 2.27 -16.61 -10.45
C LYS B 476 2.51 -15.28 -9.73
N THR B 477 1.89 -15.09 -8.56
CA THR B 477 2.00 -13.83 -7.84
C THR B 477 3.44 -13.57 -7.41
N ASP B 478 4.16 -14.59 -6.96
CA ASP B 478 5.55 -14.41 -6.55
C ASP B 478 6.43 -14.01 -7.74
N ALA B 479 6.22 -14.63 -8.89
CA ALA B 479 6.97 -14.25 -10.08
C ALA B 479 6.65 -12.83 -10.52
N VAL B 480 5.37 -12.44 -10.41
CA VAL B 480 4.99 -11.07 -10.75
C VAL B 480 5.68 -10.09 -9.83
N ILE B 481 5.74 -10.40 -8.53
CA ILE B 481 6.43 -9.52 -7.57
C ILE B 481 7.91 -9.44 -7.92
N TRP B 482 8.53 -10.58 -8.22
CA TRP B 482 9.94 -10.61 -8.62
C TRP B 482 10.20 -9.70 -9.81
N VAL B 483 9.42 -9.89 -10.87
CA VAL B 483 9.65 -9.13 -12.10
C VAL B 483 9.36 -7.65 -11.90
N PHE B 484 8.29 -7.33 -11.15
CA PHE B 484 7.98 -5.93 -10.88
C PHE B 484 9.08 -5.26 -10.09
N THR B 485 9.60 -5.93 -9.06
CA THR B 485 10.69 -5.36 -8.28
C THR B 485 11.93 -5.14 -9.13
N CYS B 486 12.27 -6.13 -9.96
CA CYS B 486 13.45 -5.99 -10.81
C CYS B 486 13.30 -4.82 -11.77
N ILE B 487 12.16 -4.75 -12.47
CA ILE B 487 11.95 -3.70 -13.46
C ILE B 487 11.90 -2.34 -12.79
N ALA B 488 11.21 -2.22 -11.65
CA ALA B 488 11.13 -0.95 -10.95
C ALA B 488 12.49 -0.48 -10.48
N SER B 489 13.30 -1.40 -9.92
CA SER B 489 14.65 -1.02 -9.51
C SER B 489 15.53 -0.72 -10.70
N ILE B 490 15.22 -1.24 -11.89
CA ILE B 490 16.00 -0.91 -13.08
C ILE B 490 15.68 0.51 -13.54
N ILE B 491 14.44 0.77 -13.95
CA ILE B 491 14.09 2.13 -14.35
C ILE B 491 13.52 2.91 -13.17
N LEU B 492 14.38 3.24 -12.22
CA LEU B 492 14.15 4.13 -11.08
C LEU B 492 15.44 4.16 -10.27
N GLY B 493 15.45 4.91 -9.16
CA GLY B 493 16.46 4.69 -8.15
C GLY B 493 16.26 3.37 -7.44
N LEU B 494 17.32 2.90 -6.78
CA LEU B 494 17.21 1.64 -6.03
C LEU B 494 16.27 1.78 -4.85
N ASP B 495 16.35 2.90 -4.13
CA ASP B 495 15.47 3.11 -2.99
C ASP B 495 14.01 3.25 -3.42
N LEU B 496 13.78 3.99 -4.51
CA LEU B 496 12.43 4.10 -5.05
C LEU B 496 11.90 2.74 -5.50
N GLY B 497 12.77 1.94 -6.11
CA GLY B 497 12.37 0.59 -6.48
C GLY B 497 12.01 -0.27 -5.28
N LEU B 498 12.77 -0.14 -4.20
CA LEU B 498 12.46 -0.90 -2.99
C LEU B 498 11.11 -0.49 -2.41
N LEU B 499 10.86 0.82 -2.33
CA LEU B 499 9.57 1.29 -1.81
C LEU B 499 8.42 0.85 -2.70
N ALA B 500 8.60 0.93 -4.02
CA ALA B 500 7.57 0.49 -4.94
C ALA B 500 7.31 -1.00 -4.80
N GLY B 501 8.37 -1.80 -4.61
CA GLY B 501 8.18 -3.22 -4.41
C GLY B 501 7.43 -3.54 -3.13
N LEU B 502 7.74 -2.82 -2.05
CA LEU B 502 7.02 -3.01 -0.79
C LEU B 502 5.53 -2.70 -0.96
N MET B 503 5.23 -1.55 -1.56
CA MET B 503 3.82 -1.19 -1.73
C MET B 503 3.12 -2.10 -2.71
N PHE B 504 3.84 -2.63 -3.71
CA PHE B 504 3.25 -3.59 -4.63
C PHE B 504 2.95 -4.91 -3.94
N GLY B 505 3.83 -5.33 -3.01
CA GLY B 505 3.51 -6.50 -2.21
C GLY B 505 2.27 -6.30 -1.36
N PHE B 506 2.15 -5.12 -0.75
CA PHE B 506 0.93 -4.81 0.00
C PHE B 506 -0.30 -4.86 -0.91
N LEU B 507 -0.19 -4.30 -2.11
CA LEU B 507 -1.31 -4.32 -3.05
C LEU B 507 -1.68 -5.74 -3.46
N THR B 508 -0.68 -6.59 -3.69
CA THR B 508 -0.95 -7.97 -4.07
C THR B 508 -1.65 -8.71 -2.95
N VAL B 509 -1.22 -8.50 -1.70
CA VAL B 509 -1.92 -9.11 -0.57
C VAL B 509 -3.36 -8.65 -0.50
N VAL B 510 -3.58 -7.34 -0.67
CA VAL B 510 -4.95 -6.80 -0.61
C VAL B 510 -5.81 -7.39 -1.72
N VAL B 511 -5.25 -7.50 -2.93
CA VAL B 511 -6.01 -8.03 -4.07
C VAL B 511 -6.32 -9.51 -3.85
N ARG B 512 -5.37 -10.27 -3.33
CA ARG B 512 -5.62 -11.68 -3.06
C ARG B 512 -6.73 -11.85 -2.02
N VAL B 513 -6.76 -10.98 -1.01
CA VAL B 513 -7.87 -10.99 -0.05
C VAL B 513 -9.19 -10.56 -0.68
N GLN B 514 -9.16 -9.61 -1.60
CA GLN B 514 -10.38 -9.01 -2.14
C GLN B 514 -11.15 -9.93 -3.09
N PHE B 515 -10.47 -10.80 -3.84
CA PHE B 515 -11.14 -11.71 -4.76
C PHE B 515 -10.98 -13.15 -4.30
N PRO B 516 -11.78 -13.61 -3.34
CA PRO B 516 -11.59 -14.95 -2.80
C PRO B 516 -12.32 -16.03 -3.57
N SER B 517 -12.31 -17.25 -3.02
CA SER B 517 -13.09 -18.34 -3.55
C SER B 517 -14.49 -18.35 -2.91
N TRP B 518 -15.47 -18.84 -3.67
CA TRP B 518 -16.82 -19.02 -3.18
C TRP B 518 -17.42 -20.22 -3.89
N ASN B 519 -18.37 -20.87 -3.20
CA ASN B 519 -18.93 -22.12 -3.69
C ASN B 519 -20.36 -22.28 -3.22
N SER B 520 -21.09 -23.14 -3.92
CA SER B 520 -22.43 -23.57 -3.52
C SER B 520 -22.33 -25.03 -3.08
N LEU B 521 -22.69 -25.30 -1.82
CA LEU B 521 -22.40 -26.58 -1.20
C LEU B 521 -23.64 -27.46 -1.10
N GLY B 522 -23.40 -28.77 -1.19
CA GLY B 522 -24.43 -29.75 -0.94
C GLY B 522 -23.84 -30.94 -0.18
N SER B 523 -24.73 -31.77 0.34
CA SER B 523 -24.35 -32.81 1.29
C SER B 523 -24.03 -34.13 0.60
N ILE B 524 -22.99 -34.80 1.07
CA ILE B 524 -22.72 -36.18 0.69
C ILE B 524 -23.73 -37.08 1.36
N PRO B 525 -24.39 -37.99 0.64
CA PRO B 525 -25.48 -38.77 1.23
C PRO B 525 -25.02 -39.60 2.43
N ASN B 526 -25.89 -39.67 3.44
CA ASN B 526 -25.71 -40.48 4.64
C ASN B 526 -24.52 -40.04 5.49
N THR B 527 -24.08 -38.80 5.33
CA THR B 527 -22.98 -38.26 6.13
C THR B 527 -23.33 -36.82 6.51
N ASP B 528 -22.37 -36.13 7.12
CA ASP B 528 -22.50 -34.71 7.45
C ASP B 528 -21.41 -33.89 6.76
N ILE B 529 -21.02 -34.30 5.56
CA ILE B 529 -19.95 -33.67 4.80
C ILE B 529 -20.57 -32.91 3.64
N TYR B 530 -20.25 -31.61 3.54
CA TYR B 530 -20.79 -30.75 2.51
C TYR B 530 -19.65 -30.26 1.62
N ARG B 531 -19.80 -30.48 0.31
CA ARG B 531 -18.80 -30.09 -0.67
C ARG B 531 -19.49 -29.42 -1.85
N SER B 532 -18.70 -28.81 -2.73
CA SER B 532 -19.26 -28.12 -3.88
C SER B 532 -19.97 -29.11 -4.80
N THR B 533 -21.11 -28.68 -5.35
CA THR B 533 -21.96 -29.60 -6.11
C THR B 533 -21.35 -29.95 -7.46
N LYS B 534 -20.60 -29.04 -8.06
CA LYS B 534 -20.12 -29.19 -9.42
C LYS B 534 -18.76 -29.91 -9.51
N ASP B 535 -18.24 -30.40 -8.40
CA ASP B 535 -16.90 -31.00 -8.39
C ASP B 535 -16.89 -32.51 -8.20
N TYR B 536 -17.82 -33.07 -7.43
CA TYR B 536 -17.74 -34.48 -7.05
C TYR B 536 -18.75 -35.37 -7.74
N LYS B 537 -19.73 -34.82 -8.44
CA LYS B 537 -20.69 -35.51 -9.30
C LYS B 537 -21.63 -36.45 -8.53
N ASN B 538 -21.48 -36.56 -7.21
CA ASN B 538 -22.41 -37.34 -6.39
C ASN B 538 -23.06 -36.48 -5.31
N ILE B 539 -22.92 -35.17 -5.40
CA ILE B 539 -23.47 -34.25 -4.41
C ILE B 539 -24.93 -33.97 -4.77
N GLU B 540 -25.81 -34.14 -3.79
CA GLU B 540 -27.23 -33.90 -3.97
C GLU B 540 -27.62 -32.57 -3.34
N GLU B 541 -28.31 -31.74 -4.10
CA GLU B 541 -28.75 -30.43 -3.61
C GLU B 541 -29.99 -30.59 -2.75
N PRO B 542 -30.01 -30.03 -1.54
CA PRO B 542 -31.20 -30.16 -0.68
C PRO B 542 -32.39 -29.41 -1.25
N GLU B 543 -33.58 -29.66 -0.72
CA GLU B 543 -34.82 -29.16 -1.28
C GLU B 543 -35.14 -27.78 -0.70
N GLY B 544 -35.15 -26.77 -1.55
CA GLY B 544 -35.62 -25.45 -1.17
C GLY B 544 -34.67 -24.65 -0.29
N VAL B 545 -33.37 -24.98 -0.31
CA VAL B 545 -32.39 -24.25 0.48
C VAL B 545 -31.08 -24.18 -0.31
N LYS B 546 -30.38 -23.06 -0.17
CA LYS B 546 -29.09 -22.86 -0.81
C LYS B 546 -28.02 -22.63 0.25
N ILE B 547 -26.84 -23.21 0.04
CA ILE B 547 -25.71 -23.07 0.94
C ILE B 547 -24.58 -22.42 0.17
N LEU B 548 -24.06 -21.31 0.70
CA LEU B 548 -23.00 -20.56 0.06
C LEU B 548 -21.82 -20.42 1.00
N ARG B 549 -20.62 -20.69 0.49
CA ARG B 549 -19.37 -20.49 1.21
C ARG B 549 -18.58 -19.38 0.54
N PHE B 550 -18.14 -18.41 1.33
CA PHE B 550 -17.38 -17.25 0.86
C PHE B 550 -16.09 -17.21 1.68
N SER B 551 -15.02 -17.81 1.15
CA SER B 551 -13.83 -18.09 1.96
C SER B 551 -12.92 -16.86 2.01
N SER B 552 -13.30 -15.92 2.86
CA SER B 552 -12.51 -14.72 3.11
C SER B 552 -13.16 -13.93 4.25
N PRO B 553 -12.40 -13.05 4.89
CA PRO B 553 -13.02 -12.02 5.73
C PRO B 553 -13.84 -11.07 4.87
N ILE B 554 -14.70 -10.29 5.52
CA ILE B 554 -15.66 -9.45 4.83
C ILE B 554 -15.33 -7.98 5.10
N PHE B 555 -15.01 -7.25 4.03
CA PHE B 555 -14.86 -5.80 4.06
C PHE B 555 -15.47 -5.26 2.78
N TYR B 556 -15.28 -3.95 2.52
CA TYR B 556 -16.05 -3.26 1.49
C TYR B 556 -15.92 -3.92 0.12
N GLY B 557 -14.70 -4.16 -0.35
CA GLY B 557 -14.54 -4.92 -1.58
C GLY B 557 -15.19 -6.28 -1.47
N ASN B 558 -15.02 -6.93 -0.32
CA ASN B 558 -15.64 -8.23 -0.10
C ASN B 558 -17.16 -8.12 0.04
N VAL B 559 -17.70 -7.00 0.55
CA VAL B 559 -19.16 -6.91 0.62
C VAL B 559 -19.75 -6.77 -0.78
N ASP B 560 -19.09 -6.01 -1.66
CA ASP B 560 -19.57 -5.95 -3.05
C ASP B 560 -19.48 -7.33 -3.71
N GLY B 561 -18.34 -8.00 -3.54
CA GLY B 561 -18.20 -9.34 -4.10
C GLY B 561 -19.22 -10.31 -3.55
N LEU B 562 -19.52 -10.22 -2.26
CA LEU B 562 -20.45 -11.13 -1.62
C LEU B 562 -21.89 -10.87 -2.08
N LYS B 563 -22.25 -9.59 -2.26
CA LYS B 563 -23.57 -9.29 -2.82
C LYS B 563 -23.70 -9.86 -4.22
N LYS B 564 -22.66 -9.69 -5.05
CA LYS B 564 -22.72 -10.26 -6.40
C LYS B 564 -22.82 -11.79 -6.36
N CYS B 565 -22.04 -12.43 -5.49
CA CYS B 565 -22.07 -13.89 -5.39
C CYS B 565 -23.43 -14.38 -4.91
N ILE B 566 -24.02 -13.71 -3.92
CA ILE B 566 -25.35 -14.11 -3.44
C ILE B 566 -26.38 -13.97 -4.54
N LYS B 567 -26.34 -12.84 -5.28
CA LYS B 567 -27.29 -12.64 -6.37
C LYS B 567 -27.14 -13.72 -7.44
N SER B 568 -25.89 -14.07 -7.77
CA SER B 568 -25.68 -15.13 -8.77
C SER B 568 -26.15 -16.49 -8.25
N THR B 569 -25.89 -16.79 -6.98
CA THR B 569 -26.20 -18.12 -6.45
C THR B 569 -27.70 -18.33 -6.30
N VAL B 570 -28.40 -17.38 -5.67
CA VAL B 570 -29.82 -17.58 -5.42
C VAL B 570 -30.65 -17.45 -6.69
N GLY B 571 -30.11 -16.87 -7.75
CA GLY B 571 -30.81 -16.74 -9.01
C GLY B 571 -31.65 -15.49 -9.17
N PHE B 572 -31.69 -14.63 -8.16
CA PHE B 572 -32.49 -13.41 -8.21
C PHE B 572 -31.94 -12.44 -7.17
N ASP B 573 -32.70 -11.38 -6.92
CA ASP B 573 -32.41 -10.44 -5.84
C ASP B 573 -33.70 -9.97 -5.20
N ALA B 574 -33.61 -9.50 -3.96
CA ALA B 574 -34.81 -9.17 -3.19
C ALA B 574 -35.45 -7.86 -3.65
N ILE B 575 -34.64 -6.89 -4.06
CA ILE B 575 -35.17 -5.55 -4.35
C ILE B 575 -36.11 -5.58 -5.55
N ARG B 576 -35.66 -6.20 -6.65
CA ARG B 576 -36.49 -6.24 -7.85
C ARG B 576 -37.79 -7.00 -7.63
N VAL B 577 -37.72 -8.15 -6.96
CA VAL B 577 -38.94 -8.93 -6.75
C VAL B 577 -39.89 -8.21 -5.81
N TYR B 578 -39.35 -7.57 -4.77
CA TYR B 578 -40.21 -6.81 -3.87
C TYR B 578 -40.90 -5.66 -4.60
N ASN B 579 -40.15 -4.93 -5.43
CA ASN B 579 -40.75 -3.83 -6.18
C ASN B 579 -41.80 -4.33 -7.16
N LYS B 580 -41.53 -5.44 -7.85
CA LYS B 580 -42.49 -5.99 -8.81
C LYS B 580 -43.75 -6.46 -8.11
N ARG B 581 -43.62 -7.12 -6.96
CA ARG B 581 -44.78 -7.56 -6.20
C ARG B 581 -45.59 -6.38 -5.69
N LEU B 582 -44.92 -5.32 -5.24
CA LEU B 582 -45.63 -4.13 -4.81
C LEU B 582 -46.38 -3.47 -5.98
N LYS B 583 -45.73 -3.42 -7.15
CA LYS B 583 -46.38 -2.83 -8.32
C LYS B 583 -47.59 -3.65 -8.75
N ALA B 584 -47.49 -4.98 -8.68
CA ALA B 584 -48.61 -5.84 -9.07
C ALA B 584 -49.81 -5.61 -8.15
N LEU B 585 -49.57 -5.45 -6.85
CA LEU B 585 -50.63 -5.19 -5.90
C LEU B 585 -51.10 -3.75 -5.97
N PRO B 654 -38.92 -19.96 -5.38
CA PRO B 654 -38.21 -21.23 -5.59
C PRO B 654 -37.34 -21.61 -4.40
N ILE B 655 -36.86 -20.59 -3.68
CA ILE B 655 -35.99 -20.78 -2.53
C ILE B 655 -36.67 -20.16 -1.30
N HIS B 656 -36.75 -20.94 -0.22
CA HIS B 656 -37.35 -20.47 1.02
C HIS B 656 -36.37 -20.37 2.17
N SER B 657 -35.09 -20.67 1.95
CA SER B 657 -34.09 -20.57 3.01
C SER B 657 -32.71 -20.45 2.39
N LEU B 658 -31.84 -19.70 3.07
CA LEU B 658 -30.46 -19.52 2.64
C LEU B 658 -29.54 -19.67 3.82
N VAL B 659 -28.50 -20.48 3.67
CA VAL B 659 -27.54 -20.76 4.72
C VAL B 659 -26.16 -20.29 4.25
N LEU B 660 -25.47 -19.55 5.11
CA LEU B 660 -24.15 -19.00 4.80
C LEU B 660 -23.11 -19.71 5.65
N ASP B 661 -22.12 -20.32 5.00
CA ASP B 661 -21.01 -20.97 5.69
C ASP B 661 -19.90 -19.94 5.88
N CYS B 662 -19.64 -19.56 7.12
CA CYS B 662 -18.71 -18.49 7.45
C CYS B 662 -17.54 -19.01 8.27
N GLY B 663 -17.07 -20.22 7.96
CA GLY B 663 -15.94 -20.78 8.69
C GLY B 663 -14.63 -20.07 8.39
N ALA B 664 -14.52 -19.42 7.23
CA ALA B 664 -13.29 -18.78 6.81
C ALA B 664 -13.32 -17.26 6.97
N VAL B 665 -14.35 -16.72 7.62
CA VAL B 665 -14.44 -15.28 7.84
C VAL B 665 -13.53 -14.92 9.01
N SER B 666 -12.43 -14.23 8.71
CA SER B 666 -11.43 -13.93 9.73
C SER B 666 -11.83 -12.74 10.59
N PHE B 667 -11.99 -11.57 9.97
CA PHE B 667 -12.31 -10.34 10.67
C PHE B 667 -13.52 -9.67 10.02
N LEU B 668 -13.92 -8.53 10.58
CA LEU B 668 -15.12 -7.83 10.15
C LEU B 668 -14.97 -6.35 10.46
N ASP B 669 -15.66 -5.53 9.67
CA ASP B 669 -15.69 -4.08 9.86
C ASP B 669 -17.13 -3.59 9.85
N VAL B 670 -17.30 -2.27 9.97
CA VAL B 670 -18.64 -1.70 10.07
C VAL B 670 -19.39 -1.85 8.75
N VAL B 671 -18.69 -1.71 7.62
CA VAL B 671 -19.33 -1.85 6.32
C VAL B 671 -19.84 -3.27 6.13
N GLY B 672 -19.07 -4.26 6.59
CA GLY B 672 -19.53 -5.64 6.50
C GLY B 672 -20.77 -5.90 7.34
N VAL B 673 -20.81 -5.33 8.55
CA VAL B 673 -21.99 -5.49 9.40
C VAL B 673 -23.21 -4.83 8.76
N ARG B 674 -23.02 -3.64 8.20
CA ARG B 674 -24.13 -2.96 7.51
C ARG B 674 -24.63 -3.78 6.34
N SER B 675 -23.72 -4.33 5.53
CA SER B 675 -24.12 -5.15 4.40
C SER B 675 -24.86 -6.40 4.84
N LEU B 676 -24.39 -7.06 5.90
CA LEU B 676 -25.09 -8.25 6.40
C LEU B 676 -26.48 -7.89 6.90
N ARG B 677 -26.61 -6.79 7.64
CA ARG B 677 -27.93 -6.36 8.12
C ARG B 677 -28.87 -6.08 6.96
N MET B 678 -28.38 -5.37 5.93
CA MET B 678 -29.21 -5.08 4.77
C MET B 678 -29.62 -6.36 4.05
N ILE B 679 -28.70 -7.31 3.91
CA ILE B 679 -29.03 -8.56 3.24
C ILE B 679 -30.11 -9.32 4.01
N VAL B 680 -29.96 -9.40 5.33
CA VAL B 680 -30.95 -10.11 6.14
C VAL B 680 -32.31 -9.44 6.03
N LYS B 681 -32.36 -8.11 6.12
CA LYS B 681 -33.65 -7.42 6.03
C LYS B 681 -34.29 -7.61 4.66
N GLU B 682 -33.52 -7.43 3.59
CA GLU B 682 -34.07 -7.57 2.24
C GLU B 682 -34.59 -8.99 2.00
N PHE B 683 -33.88 -10.00 2.51
CA PHE B 683 -34.34 -11.36 2.30
C PHE B 683 -35.55 -11.70 3.18
N GLN B 684 -35.64 -11.12 4.38
CA GLN B 684 -36.82 -11.33 5.21
C GLN B 684 -38.04 -10.56 4.69
N ARG B 685 -37.83 -9.54 3.86
CA ARG B 685 -38.98 -8.83 3.28
C ARG B 685 -39.82 -9.75 2.40
N ILE B 686 -39.18 -10.61 1.61
CA ILE B 686 -39.87 -11.48 0.69
C ILE B 686 -40.06 -12.88 1.27
N ASP B 687 -40.01 -13.02 2.60
CA ASP B 687 -40.25 -14.28 3.31
C ASP B 687 -39.23 -15.35 2.88
N VAL B 688 -37.96 -14.98 3.05
CA VAL B 688 -36.84 -15.89 2.84
C VAL B 688 -35.93 -15.80 4.05
N HIS B 689 -35.68 -16.93 4.69
CA HIS B 689 -34.90 -16.94 5.93
C HIS B 689 -33.41 -17.12 5.62
N VAL B 690 -32.59 -16.35 6.34
CA VAL B 690 -31.13 -16.40 6.22
C VAL B 690 -30.56 -16.88 7.54
N TYR B 691 -29.68 -17.88 7.48
CA TYR B 691 -29.05 -18.44 8.65
C TYR B 691 -27.53 -18.38 8.50
N PHE B 692 -26.84 -18.30 9.62
CA PHE B 692 -25.39 -18.26 9.67
C PHE B 692 -24.87 -19.45 10.45
N ALA B 693 -23.74 -19.99 10.02
CA ALA B 693 -23.16 -21.17 10.64
C ALA B 693 -21.64 -21.09 10.60
N SER B 694 -21.00 -21.73 11.59
CA SER B 694 -19.54 -21.83 11.68
C SER B 694 -18.88 -20.48 11.83
N LEU B 695 -19.54 -19.53 12.48
CA LEU B 695 -18.94 -18.23 12.75
C LEU B 695 -18.09 -18.28 14.01
N GLN B 696 -16.89 -17.74 13.93
CA GLN B 696 -16.00 -17.71 15.08
C GLN B 696 -16.53 -16.76 16.14
N ASP B 697 -16.04 -16.94 17.38
CA ASP B 697 -16.53 -16.15 18.49
C ASP B 697 -16.22 -14.66 18.30
N HIS B 698 -14.93 -14.33 18.13
CA HIS B 698 -14.52 -12.93 18.10
C HIS B 698 -15.28 -12.15 17.03
N VAL B 699 -15.61 -12.80 15.92
CA VAL B 699 -16.51 -12.20 14.94
C VAL B 699 -17.90 -11.99 15.54
N ILE B 700 -18.32 -12.88 16.45
CA ILE B 700 -19.64 -12.72 17.04
C ILE B 700 -19.68 -11.51 17.97
N GLU B 701 -18.63 -11.30 18.78
CA GLU B 701 -18.63 -10.07 19.58
C GLU B 701 -18.44 -8.83 18.70
N LYS B 702 -17.71 -8.95 17.60
CA LYS B 702 -17.60 -7.81 16.68
C LYS B 702 -18.96 -7.44 16.14
N LEU B 703 -19.79 -8.44 15.79
CA LEU B 703 -21.16 -8.19 15.39
C LEU B 703 -21.96 -7.57 16.54
N GLU B 704 -21.77 -8.08 17.76
CA GLU B 704 -22.54 -7.59 18.91
C GLU B 704 -22.28 -6.11 19.16
N GLN B 705 -21.01 -5.70 19.16
CA GLN B 705 -20.68 -4.32 19.52
C GLN B 705 -20.92 -3.34 18.38
N CYS B 706 -21.24 -3.81 17.18
CA CYS B 706 -21.56 -2.96 16.06
C CYS B 706 -23.06 -2.71 15.92
N GLY B 707 -23.85 -3.15 16.89
CA GLY B 707 -25.29 -2.95 16.83
C GLY B 707 -26.03 -3.85 15.87
N PHE B 708 -25.48 -5.02 15.55
CA PHE B 708 -26.15 -5.94 14.64
C PHE B 708 -27.44 -6.47 15.25
N PHE B 709 -27.42 -6.82 16.53
CA PHE B 709 -28.54 -7.53 17.16
C PHE B 709 -29.61 -6.54 17.63
N ASN B 710 -30.24 -5.89 16.66
CA ASN B 710 -31.36 -5.01 16.89
C ASN B 710 -32.46 -5.32 15.88
N ASP B 711 -33.70 -4.99 16.27
CA ASP B 711 -34.87 -5.18 15.43
C ASP B 711 -35.08 -6.66 15.06
N SER B 712 -35.29 -7.46 16.11
CA SER B 712 -35.69 -8.87 15.98
C SER B 712 -34.65 -9.68 15.20
N ILE B 713 -33.47 -9.78 15.80
CA ILE B 713 -32.42 -10.70 15.36
C ILE B 713 -32.24 -11.83 16.37
N ARG B 714 -32.01 -11.49 17.63
CA ARG B 714 -32.11 -12.38 18.79
C ARG B 714 -31.09 -13.51 18.81
N LYS B 715 -30.12 -13.51 17.90
CA LYS B 715 -29.04 -14.49 17.85
C LYS B 715 -29.55 -15.93 17.69
N ASP B 716 -30.82 -16.12 17.37
CA ASP B 716 -31.39 -17.45 17.23
C ASP B 716 -31.13 -18.06 15.86
N ILE B 717 -30.60 -17.29 14.92
CA ILE B 717 -30.34 -17.76 13.57
C ILE B 717 -28.87 -18.14 13.36
N PHE B 718 -28.16 -18.46 14.44
CA PHE B 718 -26.75 -18.82 14.38
C PHE B 718 -26.59 -20.27 14.82
N PHE B 719 -25.85 -21.04 14.04
CA PHE B 719 -25.62 -22.45 14.31
C PHE B 719 -24.13 -22.76 14.31
N LEU B 720 -23.77 -23.87 14.96
CA LEU B 720 -22.36 -24.21 15.15
C LEU B 720 -21.70 -24.65 13.85
N THR B 721 -22.35 -25.55 13.10
CA THR B 721 -21.83 -26.06 11.84
C THR B 721 -22.99 -26.16 10.86
N VAL B 722 -22.68 -26.39 9.58
CA VAL B 722 -23.77 -26.59 8.64
C VAL B 722 -24.10 -28.07 8.61
N HIS B 723 -24.67 -28.56 9.70
CA HIS B 723 -25.58 -29.71 9.71
C HIS B 723 -26.71 -29.52 10.70
N ASP B 724 -26.51 -28.70 11.74
CA ASP B 724 -27.59 -28.37 12.68
C ASP B 724 -28.63 -27.48 12.02
N ALA B 725 -28.19 -26.56 11.16
CA ALA B 725 -29.13 -25.71 10.43
C ALA B 725 -30.03 -26.53 9.52
N ILE B 726 -29.45 -27.52 8.83
CA ILE B 726 -30.25 -28.36 7.94
C ILE B 726 -31.25 -29.19 8.73
N LEU B 727 -30.83 -29.75 9.86
CA LEU B 727 -31.74 -30.51 10.70
C LEU B 727 -32.86 -29.63 11.26
N HIS B 728 -32.52 -28.41 11.67
CA HIS B 728 -33.52 -27.47 12.17
C HIS B 728 -34.52 -27.11 11.08
N LEU B 729 -34.05 -26.91 9.85
CA LEU B 729 -34.94 -26.66 8.73
C LEU B 729 -35.85 -27.87 8.47
N ARG B 730 -35.29 -29.07 8.52
CA ARG B 730 -36.08 -30.28 8.30
C ARG B 730 -37.10 -30.51 9.40
N SER B 731 -36.85 -30.00 10.61
CA SER B 731 -37.83 -30.13 11.69
C SER B 731 -39.06 -29.26 11.47
N GLN B 732 -39.03 -28.34 10.51
CA GLN B 732 -40.18 -27.49 10.23
C GLN B 732 -40.77 -27.82 8.86
#